data_8ART
#
_entry.id   8ART
#
_cell.length_a   68.310
_cell.length_b   68.310
_cell.length_c   260.550
_cell.angle_alpha   90.000
_cell.angle_beta   90.000
_cell.angle_gamma   120.000
#
_symmetry.space_group_name_H-M   'P 32 2 1'
#
loop_
_entity.id
_entity.type
_entity.pdbx_description
1 polymer 'Putative secreted maltose-binding protein'
2 branched alpha-D-glucopyranose-(1-4)-alpha-D-glucopyranose
#
_entity_poly.entity_id   1
_entity_poly.type   'polypeptide(L)'
_entity_poly.pdbx_seq_one_letter_code
;MRRGIAATALAASIALTATACGGSDSGDSAGGPVTLTWWDTSNATNEAPTYKALVKEFEAAHKDIKVKYVNVPFDQAQNK
FDTAAGATGAPDILRSEVGWTPAFAKKGFFLPLDGTEALKDQDKFQPSLIKQAQYDGKTYGVPFVTDTLALVYNKQLFEK
AGLTEAPRTWDDLKKAAATIKGKTGVDGYWGSTQAYYAQSFLYGDGTDTVDVPAKKITVNSPEAKKAYGTWLGLFDGKGL
HKADTTADAYAHIQDAFVNGKVASIVQGPWEITNFYKGSAFKDKANLGIATVPAGTSGKAGAPTGGHNLSVYAGSDKAHQ
EASLKFIEFMTSAKSQETIALKNSTLPTRDDAYTAEVKADPGIAGYQTVLAAARPRPELPEYSSLWGPLDTELLAIAGGK
ESLDKGLGNAETAIAKLVPDYSKHHHHHH
;
_entity_poly.pdbx_strand_id   A,B
#
# COMPACT_ATOMS: atom_id res chain seq x y z
N GLY A 31 2.12 39.35 22.02
CA GLY A 31 1.37 38.19 21.55
C GLY A 31 0.89 38.35 20.11
N GLY A 32 1.78 38.03 19.17
CA GLY A 32 1.51 38.11 17.73
C GLY A 32 1.26 36.75 17.11
N PRO A 33 1.50 36.59 15.78
CA PRO A 33 1.27 35.28 15.15
C PRO A 33 2.39 34.27 15.44
N VAL A 34 2.15 33.00 15.08
CA VAL A 34 3.12 31.93 15.29
C VAL A 34 4.09 31.88 14.11
N THR A 35 5.40 32.10 14.37
CA THR A 35 6.43 32.07 13.33
C THR A 35 7.00 30.66 13.18
N LEU A 36 6.54 29.93 12.15
CA LEU A 36 7.00 28.57 11.84
C LEU A 36 8.14 28.65 10.80
N THR A 37 8.93 27.57 10.68
CA THR A 37 10.03 27.48 9.72
C THR A 37 10.01 26.13 9.02
N TRP A 38 9.77 26.12 7.70
CA TRP A 38 9.71 24.90 6.90
C TRP A 38 11.00 24.69 6.10
N TRP A 39 11.76 23.64 6.45
CA TRP A 39 12.98 23.28 5.71
C TRP A 39 12.58 22.42 4.50
N ASP A 40 12.59 23.02 3.30
CA ASP A 40 12.21 22.34 2.05
C ASP A 40 13.46 21.69 1.43
N THR A 41 13.32 20.46 0.92
CA THR A 41 14.41 19.70 0.29
C THR A 41 14.16 19.45 -1.21
N SER A 42 13.16 20.14 -1.79
CA SER A 42 12.80 19.94 -3.20
C SER A 42 13.77 20.67 -4.13
N ASN A 43 13.57 20.50 -5.44
CA ASN A 43 14.39 21.14 -6.46
C ASN A 43 14.18 22.64 -6.36
N ALA A 44 15.26 23.39 -6.11
CA ALA A 44 15.20 24.83 -5.94
C ALA A 44 14.75 25.61 -7.19
N THR A 45 14.90 25.04 -8.40
CA THR A 45 14.52 25.71 -9.65
C THR A 45 13.10 25.37 -10.13
N ASN A 46 12.73 24.07 -10.10
CA ASN A 46 11.44 23.59 -10.63
C ASN A 46 10.34 23.41 -9.57
N GLU A 47 10.68 22.82 -8.42
CA GLU A 47 9.69 22.50 -7.37
C GLU A 47 9.50 23.60 -6.33
N ALA A 48 10.56 24.34 -5.97
CA ALA A 48 10.46 25.39 -4.93
C ALA A 48 9.48 26.53 -5.24
N PRO A 49 9.42 27.10 -6.48
CA PRO A 49 8.45 28.17 -6.75
C PRO A 49 6.99 27.77 -6.52
N THR A 50 6.63 26.52 -6.86
CA THR A 50 5.29 25.97 -6.67
C THR A 50 4.93 25.91 -5.18
N TYR A 51 5.88 25.50 -4.33
CA TYR A 51 5.65 25.41 -2.88
C TYR A 51 5.66 26.79 -2.22
N LYS A 52 6.51 27.72 -2.68
CA LYS A 52 6.55 29.10 -2.16
C LYS A 52 5.18 29.79 -2.35
N ALA A 53 4.47 29.45 -3.44
CA ALA A 53 3.14 30.01 -3.72
C ALA A 53 2.09 29.47 -2.74
N LEU A 54 2.15 28.16 -2.40
CA LEU A 54 1.22 27.54 -1.44
C LEU A 54 1.46 28.07 -0.02
N VAL A 55 2.71 28.44 0.32
CA VAL A 55 3.04 29.02 1.62
C VAL A 55 2.25 30.33 1.82
N LYS A 56 2.14 31.15 0.75
CA LYS A 56 1.39 32.41 0.80
C LYS A 56 -0.13 32.17 0.90
N GLU A 57 -0.66 31.11 0.22
CA GLU A 57 -2.09 30.76 0.28
C GLU A 57 -2.53 30.42 1.71
N PHE A 58 -1.66 29.73 2.46
CA PHE A 58 -1.95 29.36 3.85
C PHE A 58 -1.90 30.61 4.75
N GLU A 59 -0.89 31.47 4.54
CA GLU A 59 -0.72 32.72 5.29
C GLU A 59 -1.86 33.71 5.02
N ALA A 60 -2.42 33.69 3.78
CA ALA A 60 -3.54 34.55 3.40
C ALA A 60 -4.83 34.11 4.10
N ALA A 61 -5.10 32.79 4.13
CA ALA A 61 -6.29 32.24 4.78
C ALA A 61 -6.17 32.32 6.30
N HIS A 62 -5.00 31.95 6.87
CA HIS A 62 -4.74 31.97 8.31
C HIS A 62 -3.77 33.11 8.66
N LYS A 63 -4.28 34.16 9.33
CA LYS A 63 -3.50 35.35 9.70
C LYS A 63 -2.67 35.13 10.96
N ASP A 64 -3.14 34.30 11.91
CA ASP A 64 -2.41 34.01 13.15
C ASP A 64 -1.16 33.12 12.97
N ILE A 65 -0.88 32.62 11.73
CA ILE A 65 0.28 31.77 11.46
C ILE A 65 1.12 32.36 10.31
N LYS A 66 2.45 32.40 10.50
CA LYS A 66 3.44 32.88 9.53
C LYS A 66 4.46 31.75 9.31
N VAL A 67 4.77 31.39 8.05
CA VAL A 67 5.71 30.31 7.72
C VAL A 67 6.95 30.89 7.01
N LYS A 68 8.14 30.62 7.56
CA LYS A 68 9.44 31.07 7.02
C LYS A 68 9.99 29.99 6.09
N TYR A 69 9.94 30.24 4.76
CA TYR A 69 10.43 29.28 3.77
C TYR A 69 11.96 29.26 3.72
N VAL A 70 12.56 28.05 3.81
CA VAL A 70 14.01 27.86 3.76
C VAL A 70 14.31 26.61 2.92
N ASN A 71 14.98 26.77 1.76
CA ASN A 71 15.33 25.64 0.92
C ASN A 71 16.69 25.12 1.37
N VAL A 72 16.76 23.83 1.76
CA VAL A 72 17.98 23.18 2.24
C VAL A 72 18.39 22.12 1.20
N PRO A 73 19.62 22.14 0.64
CA PRO A 73 19.99 21.10 -0.33
C PRO A 73 19.79 19.67 0.18
N PHE A 74 19.17 18.80 -0.64
CA PHE A 74 18.83 17.41 -0.31
C PHE A 74 20.00 16.59 0.24
N ASP A 75 21.19 16.74 -0.36
CA ASP A 75 22.40 16.02 0.10
C ASP A 75 22.80 16.38 1.55
N GLN A 76 22.57 17.64 1.97
CA GLN A 76 22.89 18.13 3.31
C GLN A 76 21.71 18.08 4.28
N ALA A 77 20.46 18.04 3.78
CA ALA A 77 19.24 18.04 4.60
C ALA A 77 19.16 16.97 5.69
N GLN A 78 19.68 15.76 5.43
CA GLN A 78 19.64 14.68 6.41
C GLN A 78 20.57 14.98 7.59
N ASN A 79 21.82 15.33 7.29
CA ASN A 79 22.83 15.62 8.31
C ASN A 79 22.52 16.93 9.04
N LYS A 80 22.04 17.98 8.33
CA LYS A 80 21.71 19.28 8.93
C LYS A 80 20.59 19.14 9.97
N PHE A 81 19.53 18.37 9.65
CA PHE A 81 18.42 18.17 10.57
C PHE A 81 18.85 17.32 11.77
N ASP A 82 19.63 16.26 11.54
CA ASP A 82 20.13 15.39 12.62
C ASP A 82 20.93 16.21 13.65
N THR A 83 21.72 17.19 13.17
CA THR A 83 22.51 18.08 14.04
C THR A 83 21.59 19.04 14.81
N ALA A 84 20.72 19.76 14.09
CA ALA A 84 19.83 20.76 14.69
C ALA A 84 18.75 20.19 15.62
N ALA A 85 18.15 19.03 15.26
CA ALA A 85 17.08 18.41 16.04
C ALA A 85 17.41 18.15 17.52
N GLY A 86 18.64 17.73 17.80
CA GLY A 86 19.07 17.48 19.18
C GLY A 86 19.41 18.76 19.92
N ALA A 87 20.05 19.72 19.24
CA ALA A 87 20.46 21.02 19.79
C ALA A 87 19.39 22.09 19.44
N THR A 88 19.81 23.36 19.18
CA THR A 88 18.88 24.45 18.83
C THR A 88 18.92 24.72 17.31
N GLY A 89 18.06 25.63 16.85
CA GLY A 89 17.96 25.99 15.45
C GLY A 89 17.25 24.95 14.59
N ALA A 90 16.47 24.06 15.22
CA ALA A 90 15.73 23.02 14.50
C ALA A 90 14.49 23.61 13.83
N PRO A 91 14.09 23.14 12.64
CA PRO A 91 12.87 23.67 12.02
C PRO A 91 11.63 23.06 12.63
N ASP A 92 10.48 23.69 12.41
CA ASP A 92 9.21 23.17 12.92
C ASP A 92 8.70 22.07 11.98
N ILE A 93 8.70 22.32 10.65
CA ILE A 93 8.27 21.35 9.63
C ILE A 93 9.48 20.95 8.78
N LEU A 94 9.47 19.71 8.24
CA LEU A 94 10.54 19.20 7.38
C LEU A 94 9.98 18.34 6.27
N ARG A 95 10.42 18.57 5.01
CA ARG A 95 10.04 17.73 3.87
C ARG A 95 10.94 16.50 3.95
N SER A 96 10.61 15.61 4.88
CA SER A 96 11.40 14.40 5.15
C SER A 96 11.24 13.40 4.02
N GLU A 97 12.31 12.69 3.68
CA GLU A 97 12.29 11.67 2.63
C GLU A 97 11.58 10.45 3.21
N VAL A 98 10.92 9.63 2.36
CA VAL A 98 10.22 8.41 2.83
C VAL A 98 11.12 7.44 3.65
N GLY A 99 12.42 7.47 3.38
CA GLY A 99 13.41 6.65 4.06
C GLY A 99 13.98 7.26 5.34
N TRP A 100 13.92 8.60 5.47
CA TRP A 100 14.42 9.28 6.67
C TRP A 100 13.34 9.39 7.74
N THR A 101 12.05 9.17 7.39
CA THR A 101 10.95 9.28 8.35
C THR A 101 11.04 8.19 9.43
N PRO A 102 11.18 6.89 9.10
CA PRO A 102 11.33 5.89 10.18
C PRO A 102 12.63 6.06 10.97
N ALA A 103 13.70 6.60 10.32
CA ALA A 103 14.99 6.85 10.96
C ALA A 103 14.86 7.96 12.01
N PHE A 104 14.35 9.14 11.62
CA PHE A 104 14.17 10.26 12.55
C PHE A 104 13.04 10.00 13.54
N ALA A 105 12.07 9.11 13.20
CA ALA A 105 11.00 8.71 14.14
C ALA A 105 11.61 7.80 15.20
N LYS A 106 12.59 6.94 14.81
CA LYS A 106 13.31 6.07 15.74
C LYS A 106 14.16 6.96 16.67
N LYS A 107 14.78 8.03 16.14
CA LYS A 107 15.59 8.97 16.93
C LYS A 107 14.76 9.95 17.81
N GLY A 108 13.43 9.88 17.74
CA GLY A 108 12.55 10.71 18.55
C GLY A 108 12.49 12.19 18.20
N PHE A 109 12.90 12.58 16.99
CA PHE A 109 12.87 13.98 16.58
C PHE A 109 11.48 14.37 16.09
N PHE A 110 10.77 13.46 15.38
CA PHE A 110 9.44 13.75 14.86
C PHE A 110 8.33 13.48 15.87
N LEU A 111 7.23 14.25 15.73
CA LEU A 111 6.04 14.17 16.58
C LEU A 111 5.07 13.14 15.99
N PRO A 112 4.46 12.23 16.78
CA PRO A 112 3.49 11.30 16.18
C PRO A 112 2.20 12.04 15.79
N LEU A 113 1.69 11.78 14.58
CA LEU A 113 0.50 12.45 14.04
C LEU A 113 -0.77 11.59 14.16
N ASP A 114 -0.76 10.49 14.96
CA ASP A 114 -1.94 9.64 15.13
C ASP A 114 -3.05 10.38 15.88
N GLY A 115 -4.22 10.50 15.26
CA GLY A 115 -5.36 11.19 15.84
C GLY A 115 -5.16 12.68 15.93
N THR A 116 -4.78 13.30 14.81
CA THR A 116 -4.54 14.75 14.71
C THR A 116 -5.24 15.32 13.49
N GLU A 117 -5.33 16.66 13.42
CA GLU A 117 -5.97 17.33 12.29
C GLU A 117 -5.20 17.15 10.97
N ALA A 118 -3.88 16.85 11.03
CA ALA A 118 -3.07 16.58 9.83
C ALA A 118 -3.52 15.28 9.13
N LEU A 119 -3.95 14.26 9.92
CA LEU A 119 -4.45 12.99 9.38
C LEU A 119 -5.99 12.91 9.44
N LYS A 120 -6.70 14.03 9.18
CA LYS A 120 -8.17 14.02 9.18
C LYS A 120 -8.70 13.26 7.94
N ASP A 121 -7.93 13.27 6.82
CA ASP A 121 -8.25 12.58 5.58
C ASP A 121 -7.32 11.37 5.39
N GLN A 122 -7.13 10.56 6.45
CA GLN A 122 -6.25 9.39 6.40
C GLN A 122 -6.72 8.34 5.38
N ASP A 123 -8.05 8.22 5.20
CA ASP A 123 -8.64 7.27 4.24
C ASP A 123 -8.41 7.64 2.76
N LYS A 124 -8.20 8.93 2.44
CA LYS A 124 -8.02 9.40 1.06
C LYS A 124 -6.64 9.07 0.47
N PHE A 125 -5.59 8.96 1.31
CA PHE A 125 -4.24 8.68 0.84
C PHE A 125 -4.07 7.21 0.46
N GLN A 126 -2.99 6.89 -0.27
CA GLN A 126 -2.69 5.50 -0.62
C GLN A 126 -2.23 4.82 0.66
N PRO A 127 -2.76 3.63 1.04
CA PRO A 127 -2.33 3.00 2.30
C PRO A 127 -0.87 2.55 2.33
N SER A 128 -0.29 2.20 1.17
CA SER A 128 1.11 1.78 1.05
C SER A 128 2.07 2.91 1.41
N LEU A 129 1.68 4.17 1.13
CA LEU A 129 2.50 5.34 1.45
C LEU A 129 2.39 5.71 2.94
N ILE A 130 1.23 5.43 3.57
CA ILE A 130 1.05 5.64 5.01
C ILE A 130 1.88 4.62 5.78
N LYS A 131 2.07 3.41 5.22
CA LYS A 131 2.90 2.37 5.83
C LYS A 131 4.38 2.82 5.84
N GLN A 132 4.84 3.50 4.77
CA GLN A 132 6.22 4.03 4.70
C GLN A 132 6.46 5.12 5.74
N ALA A 133 5.44 5.95 6.04
CA ALA A 133 5.54 7.01 7.04
C ALA A 133 5.50 6.45 8.47
N GLN A 134 4.86 5.26 8.66
CA GLN A 134 4.75 4.64 9.98
C GLN A 134 6.06 4.05 10.50
N TYR A 135 6.16 3.99 11.84
CA TYR A 135 7.30 3.41 12.57
C TYR A 135 6.78 2.80 13.87
N ASP A 136 6.97 1.48 14.06
CA ASP A 136 6.54 0.78 15.27
C ASP A 136 5.02 0.96 15.54
N GLY A 137 4.23 0.90 14.46
CA GLY A 137 2.78 1.05 14.53
C GLY A 137 2.27 2.43 14.87
N LYS A 138 3.02 3.50 14.49
CA LYS A 138 2.63 4.89 14.73
C LYS A 138 3.10 5.79 13.59
N THR A 139 2.20 6.62 13.04
CA THR A 139 2.50 7.52 11.91
C THR A 139 3.21 8.79 12.39
N TYR A 140 4.35 9.14 11.75
CA TYR A 140 5.15 10.33 12.04
C TYR A 140 5.24 11.32 10.86
N GLY A 141 4.56 11.04 9.75
CA GLY A 141 4.57 11.91 8.58
C GLY A 141 3.37 11.71 7.69
N VAL A 142 3.03 12.73 6.88
CA VAL A 142 1.88 12.70 5.96
C VAL A 142 2.40 12.58 4.52
N PRO A 143 2.04 11.51 3.76
CA PRO A 143 2.52 11.40 2.36
C PRO A 143 2.26 12.63 1.50
N PHE A 144 3.34 13.36 1.14
CA PHE A 144 3.29 14.61 0.37
C PHE A 144 3.40 14.31 -1.11
N VAL A 145 4.44 13.56 -1.51
CA VAL A 145 4.67 13.15 -2.91
C VAL A 145 5.21 11.72 -2.95
N THR A 146 5.20 11.11 -4.14
CA THR A 146 5.68 9.75 -4.35
C THR A 146 6.29 9.62 -5.74
N ASP A 147 7.18 8.62 -5.92
CA ASP A 147 7.91 8.45 -7.17
C ASP A 147 8.69 7.14 -7.25
N THR A 148 9.19 6.84 -8.46
CA THR A 148 10.02 5.68 -8.76
C THR A 148 10.90 6.02 -9.96
N LEU A 149 12.02 5.32 -10.11
CA LEU A 149 12.92 5.54 -11.24
C LEU A 149 12.36 4.85 -12.48
N ALA A 150 12.61 5.42 -13.66
CA ALA A 150 12.12 4.87 -14.93
C ALA A 150 13.09 5.17 -16.05
N LEU A 151 13.26 4.24 -16.99
CA LEU A 151 14.15 4.44 -18.14
C LEU A 151 13.52 5.47 -19.09
N VAL A 152 13.86 6.75 -18.91
CA VAL A 152 13.37 7.83 -19.77
C VAL A 152 14.23 7.86 -21.03
N TYR A 153 13.63 8.09 -22.21
CA TYR A 153 14.35 8.09 -23.47
C TYR A 153 13.85 9.11 -24.47
N ASN A 154 14.67 9.38 -25.49
CA ASN A 154 14.40 10.31 -26.57
C ASN A 154 13.76 9.52 -27.73
N LYS A 155 12.47 9.79 -28.02
CA LYS A 155 11.75 9.08 -29.09
C LYS A 155 12.30 9.40 -30.49
N GLN A 156 12.78 10.64 -30.74
CA GLN A 156 13.33 11.01 -32.04
C GLN A 156 14.60 10.22 -32.37
N LEU A 157 15.54 10.13 -31.40
CA LEU A 157 16.79 9.39 -31.59
C LEU A 157 16.56 7.88 -31.74
N PHE A 158 15.58 7.33 -30.99
CA PHE A 158 15.22 5.91 -31.08
C PHE A 158 14.55 5.61 -32.43
N GLU A 159 13.68 6.53 -32.90
CA GLU A 159 13.00 6.41 -34.19
C GLU A 159 14.02 6.51 -35.34
N LYS A 160 14.98 7.44 -35.23
CA LYS A 160 16.05 7.61 -36.23
C LYS A 160 16.97 6.37 -36.27
N ALA A 161 17.19 5.72 -35.11
CA ALA A 161 18.01 4.51 -35.01
C ALA A 161 17.27 3.20 -35.38
N GLY A 162 16.01 3.29 -35.80
CA GLY A 162 15.21 2.14 -36.20
C GLY A 162 14.74 1.30 -35.03
N LEU A 163 14.35 1.96 -33.92
CA LEU A 163 13.87 1.31 -32.70
C LEU A 163 12.49 1.87 -32.36
N THR A 164 11.52 0.99 -32.14
CA THR A 164 10.15 1.38 -31.81
C THR A 164 9.94 1.41 -30.30
N GLU A 165 10.13 0.25 -29.65
CA GLU A 165 9.95 0.09 -28.20
C GLU A 165 11.26 0.28 -27.44
N ALA A 166 11.15 0.34 -26.10
CA ALA A 166 12.30 0.49 -25.21
C ALA A 166 12.92 -0.88 -24.91
N PRO A 167 14.22 -0.97 -24.58
CA PRO A 167 14.82 -2.28 -24.29
C PRO A 167 14.24 -2.93 -23.02
N ARG A 168 13.76 -4.17 -23.12
CA ARG A 168 13.17 -4.89 -21.99
C ARG A 168 14.17 -5.36 -20.94
N THR A 169 15.41 -5.71 -21.34
CA THR A 169 16.44 -6.17 -20.40
C THR A 169 17.71 -5.33 -20.48
N TRP A 170 18.60 -5.53 -19.50
CA TRP A 170 19.88 -4.81 -19.45
C TRP A 170 20.79 -5.21 -20.62
N ASP A 171 20.67 -6.45 -21.11
CA ASP A 171 21.44 -6.93 -22.26
C ASP A 171 20.96 -6.23 -23.55
N ASP A 172 19.63 -5.99 -23.66
CA ASP A 172 19.05 -5.29 -24.81
C ASP A 172 19.46 -3.82 -24.81
N LEU A 173 19.64 -3.22 -23.61
CA LEU A 173 20.07 -1.82 -23.47
C LEU A 173 21.51 -1.65 -23.98
N LYS A 174 22.40 -2.62 -23.71
CA LYS A 174 23.79 -2.59 -24.20
C LYS A 174 23.80 -2.65 -25.74
N LYS A 175 22.97 -3.53 -26.33
CA LYS A 175 22.88 -3.68 -27.79
C LYS A 175 22.21 -2.46 -28.43
N ALA A 176 21.13 -1.96 -27.80
CA ALA A 176 20.40 -0.79 -28.29
C ALA A 176 21.27 0.45 -28.36
N ALA A 177 22.19 0.64 -27.38
CA ALA A 177 23.08 1.80 -27.35
C ALA A 177 24.04 1.82 -28.54
N ALA A 178 24.63 0.65 -28.87
CA ALA A 178 25.55 0.51 -30.01
C ALA A 178 24.86 0.81 -31.34
N THR A 179 23.57 0.42 -31.49
CA THR A 179 22.79 0.69 -32.70
C THR A 179 22.49 2.20 -32.82
N ILE A 180 22.19 2.86 -31.68
CA ILE A 180 21.93 4.30 -31.63
C ILE A 180 23.23 5.07 -31.94
N LYS A 181 24.37 4.55 -31.45
CA LYS A 181 25.69 5.15 -31.69
C LYS A 181 26.12 4.99 -33.15
N GLY A 182 25.82 3.84 -33.75
CA GLY A 182 26.14 3.58 -35.15
C GLY A 182 25.31 4.41 -36.12
N LYS A 183 24.01 4.63 -35.80
CA LYS A 183 23.10 5.40 -36.65
C LYS A 183 23.25 6.91 -36.48
N THR A 184 22.98 7.42 -35.26
CA THR A 184 22.99 8.85 -34.96
C THR A 184 24.33 9.44 -34.51
N GLY A 185 25.20 8.64 -33.90
CA GLY A 185 26.49 9.12 -33.39
C GLY A 185 26.41 9.69 -31.98
N VAL A 186 25.23 9.61 -31.33
CA VAL A 186 25.02 10.10 -29.95
C VAL A 186 25.09 8.90 -29.02
N ASP A 187 25.55 9.11 -27.77
CA ASP A 187 25.66 8.04 -26.78
C ASP A 187 24.26 7.53 -26.40
N GLY A 188 24.08 6.21 -26.44
CA GLY A 188 22.81 5.58 -26.14
C GLY A 188 22.39 5.61 -24.69
N TYR A 189 23.36 5.51 -23.75
CA TYR A 189 23.04 5.47 -22.33
C TYR A 189 24.17 5.97 -21.43
N TRP A 190 23.82 6.64 -20.33
CA TRP A 190 24.75 7.14 -19.32
C TRP A 190 24.12 6.89 -17.94
N GLY A 191 24.50 5.77 -17.34
CA GLY A 191 23.99 5.36 -16.04
C GLY A 191 24.58 6.15 -14.90
N SER A 192 23.86 6.22 -13.79
CA SER A 192 24.30 6.95 -12.59
C SER A 192 25.17 6.05 -11.71
N THR A 193 26.20 6.64 -11.09
CA THR A 193 27.12 5.93 -10.21
C THR A 193 26.57 5.78 -8.77
N GLN A 194 25.45 6.46 -8.43
CA GLN A 194 24.85 6.42 -7.10
C GLN A 194 24.19 5.08 -6.79
N ALA A 195 24.12 4.74 -5.49
CA ALA A 195 23.57 3.48 -4.98
C ALA A 195 22.05 3.36 -5.17
N TYR A 196 21.32 4.48 -5.06
CA TYR A 196 19.86 4.49 -5.25
C TYR A 196 19.50 4.06 -6.67
N TYR A 197 20.29 4.53 -7.65
CA TYR A 197 20.09 4.22 -9.06
C TYR A 197 20.58 2.81 -9.37
N ALA A 198 21.68 2.38 -8.71
CA ALA A 198 22.21 1.03 -8.87
C ALA A 198 21.31 -0.04 -8.20
N GLN A 199 20.35 0.36 -7.34
CA GLN A 199 19.42 -0.55 -6.66
C GLN A 199 18.48 -1.29 -7.64
N SER A 200 18.20 -0.69 -8.82
CA SER A 200 17.35 -1.29 -9.85
C SER A 200 17.93 -2.60 -10.41
N PHE A 201 19.26 -2.75 -10.37
CA PHE A 201 19.95 -3.95 -10.84
C PHE A 201 19.76 -5.10 -9.86
N LEU A 202 19.77 -4.81 -8.53
CA LEU A 202 19.55 -5.83 -7.51
C LEU A 202 18.14 -6.40 -7.65
N TYR A 203 17.15 -5.53 -7.93
CA TYR A 203 15.78 -5.97 -8.13
C TYR A 203 15.63 -6.74 -9.46
N GLY A 204 16.38 -6.33 -10.49
CA GLY A 204 16.40 -7.00 -11.78
C GLY A 204 16.90 -8.43 -11.73
N ASP A 205 17.92 -8.69 -10.89
CA ASP A 205 18.51 -10.03 -10.70
C ASP A 205 17.86 -10.85 -9.56
N GLY A 206 16.79 -10.34 -8.96
CA GLY A 206 16.07 -11.04 -7.91
C GLY A 206 16.78 -11.06 -6.58
N THR A 207 17.15 -9.87 -6.10
CA THR A 207 17.84 -9.71 -4.81
C THR A 207 17.60 -8.31 -4.26
N ASP A 208 18.22 -8.01 -3.11
CA ASP A 208 18.12 -6.72 -2.44
C ASP A 208 19.46 -6.45 -1.75
N THR A 209 19.58 -5.29 -1.09
CA THR A 209 20.80 -4.93 -0.38
C THR A 209 20.92 -5.83 0.86
N VAL A 210 19.78 -6.05 1.54
CA VAL A 210 19.73 -6.85 2.77
C VAL A 210 18.46 -7.71 2.80
N ASP A 211 18.49 -8.78 3.61
CA ASP A 211 17.38 -9.70 3.81
C ASP A 211 16.86 -9.41 5.23
N VAL A 212 15.68 -8.75 5.37
CA VAL A 212 15.16 -8.39 6.69
C VAL A 212 14.60 -9.60 7.45
N PRO A 213 13.73 -10.46 6.86
CA PRO A 213 13.23 -11.64 7.61
C PRO A 213 14.35 -12.53 8.16
N ALA A 214 15.34 -12.87 7.31
CA ALA A 214 16.48 -13.71 7.73
C ALA A 214 17.56 -12.90 8.45
N LYS A 215 17.63 -11.57 8.21
CA LYS A 215 18.63 -10.65 8.77
C LYS A 215 20.03 -11.05 8.28
N LYS A 216 20.41 -10.57 7.08
CA LYS A 216 21.72 -10.86 6.49
C LYS A 216 22.11 -9.80 5.46
N ILE A 217 23.43 -9.50 5.32
CA ILE A 217 23.92 -8.52 4.34
C ILE A 217 24.10 -9.29 3.03
N THR A 218 23.38 -8.90 1.97
CA THR A 218 23.48 -9.58 0.68
C THR A 218 24.12 -8.69 -0.40
N VAL A 219 25.00 -7.73 -0.01
CA VAL A 219 25.69 -6.85 -0.96
C VAL A 219 26.88 -7.56 -1.62
N ASN A 220 27.58 -8.46 -0.89
CA ASN A 220 28.71 -9.23 -1.41
C ASN A 220 28.28 -10.70 -1.61
N SER A 221 27.04 -10.89 -2.14
CA SER A 221 26.43 -12.20 -2.38
C SER A 221 26.53 -12.57 -3.87
N PRO A 222 26.09 -13.79 -4.28
CA PRO A 222 26.17 -14.16 -5.71
C PRO A 222 25.39 -13.26 -6.65
N GLU A 223 24.12 -13.00 -6.32
CA GLU A 223 23.22 -12.19 -7.15
C GLU A 223 23.65 -10.74 -7.22
N ALA A 224 24.14 -10.18 -6.10
CA ALA A 224 24.61 -8.79 -6.05
C ALA A 224 25.87 -8.59 -6.89
N LYS A 225 26.85 -9.51 -6.78
CA LYS A 225 28.09 -9.45 -7.58
C LYS A 225 27.77 -9.41 -9.07
N LYS A 226 26.81 -10.25 -9.52
CA LYS A 226 26.37 -10.29 -10.90
C LYS A 226 25.60 -9.01 -11.26
N ALA A 227 24.67 -8.59 -10.39
CA ALA A 227 23.85 -7.38 -10.58
C ALA A 227 24.73 -6.15 -10.73
N TYR A 228 25.69 -5.97 -9.80
CA TYR A 228 26.64 -4.86 -9.87
C TYR A 228 27.59 -5.05 -11.06
N GLY A 229 27.90 -6.30 -11.40
CA GLY A 229 28.71 -6.62 -12.58
C GLY A 229 28.06 -6.14 -13.86
N THR A 230 26.72 -6.27 -13.95
CA THR A 230 25.94 -5.81 -15.10
C THR A 230 25.94 -4.27 -15.13
N TRP A 231 25.78 -3.63 -13.95
CA TRP A 231 25.81 -2.17 -13.81
C TRP A 231 27.18 -1.62 -14.20
N LEU A 232 28.26 -2.29 -13.77
CA LEU A 232 29.63 -1.90 -14.09
C LEU A 232 29.89 -2.09 -15.59
N GLY A 233 29.31 -3.14 -16.18
CA GLY A 233 29.43 -3.43 -17.60
C GLY A 233 28.74 -2.41 -18.51
N LEU A 234 27.75 -1.66 -17.97
CA LEU A 234 27.02 -0.64 -18.74
C LEU A 234 27.80 0.67 -18.97
N PHE A 235 29.02 0.81 -18.42
CA PHE A 235 29.85 1.99 -18.67
C PHE A 235 30.74 1.76 -19.89
N ASP A 236 31.32 0.54 -20.02
CA ASP A 236 32.19 0.15 -21.13
C ASP A 236 31.35 -0.42 -22.30
N GLY A 237 31.60 0.07 -23.52
CA GLY A 237 30.90 -0.37 -24.72
C GLY A 237 30.61 0.76 -25.70
N LYS A 238 30.34 0.39 -26.97
CA LYS A 238 30.01 1.38 -28.01
C LYS A 238 28.63 1.96 -27.73
N GLY A 239 28.54 3.28 -27.61
CA GLY A 239 27.31 3.99 -27.29
C GLY A 239 27.14 4.26 -25.81
N LEU A 240 27.73 3.43 -24.94
CA LEU A 240 27.64 3.61 -23.50
C LEU A 240 28.67 4.65 -23.05
N HIS A 241 28.22 5.70 -22.34
CA HIS A 241 29.11 6.74 -21.82
C HIS A 241 29.83 6.18 -20.59
N LYS A 242 31.11 6.53 -20.40
CA LYS A 242 31.91 6.04 -19.27
C LYS A 242 31.50 6.70 -17.95
N ALA A 243 31.90 6.10 -16.82
CA ALA A 243 31.56 6.63 -15.49
C ALA A 243 32.22 7.97 -15.20
N ASP A 244 31.52 8.84 -14.44
CA ASP A 244 32.02 10.14 -14.03
C ASP A 244 32.23 10.12 -12.52
N THR A 245 33.50 10.27 -12.09
CA THR A 245 33.88 10.22 -10.68
C THR A 245 33.63 11.53 -9.90
N THR A 246 33.19 12.60 -10.58
CA THR A 246 32.93 13.89 -9.92
C THR A 246 31.74 13.79 -8.95
N ALA A 247 31.74 14.65 -7.92
CA ALA A 247 30.66 14.69 -6.93
C ALA A 247 29.36 15.20 -7.54
N ASP A 248 29.43 16.09 -8.54
CA ASP A 248 28.27 16.66 -9.23
C ASP A 248 27.90 15.91 -10.53
N ALA A 249 28.40 14.65 -10.72
CA ALA A 249 28.12 13.81 -11.90
C ALA A 249 26.64 13.82 -12.31
N TYR A 250 25.72 13.85 -11.31
CA TYR A 250 24.27 13.93 -11.48
C TYR A 250 23.84 15.04 -12.44
N ALA A 251 24.36 16.27 -12.24
CA ALA A 251 24.03 17.43 -13.08
C ALA A 251 24.48 17.28 -14.54
N HIS A 252 25.60 16.55 -14.79
CA HIS A 252 26.11 16.32 -16.16
C HIS A 252 25.17 15.41 -16.93
N ILE A 253 24.58 14.42 -16.22
CA ILE A 253 23.65 13.46 -16.82
C ILE A 253 22.35 14.17 -17.22
N GLN A 254 21.93 15.23 -16.47
CA GLN A 254 20.74 16.01 -16.83
C GLN A 254 21.07 16.87 -18.05
N ASP A 255 22.13 17.71 -17.94
CA ASP A 255 22.60 18.61 -19.00
C ASP A 255 22.77 17.88 -20.35
N ALA A 256 23.25 16.63 -20.32
CA ALA A 256 23.44 15.82 -21.53
C ALA A 256 22.10 15.38 -22.12
N PHE A 257 21.23 14.79 -21.28
CA PHE A 257 19.93 14.28 -21.70
C PHE A 257 18.96 15.38 -22.12
N VAL A 258 18.90 16.49 -21.35
CA VAL A 258 17.99 17.61 -21.66
C VAL A 258 18.31 18.27 -23.01
N ASN A 259 19.61 18.39 -23.35
CA ASN A 259 20.06 19.01 -24.59
C ASN A 259 20.17 18.04 -25.77
N GLY A 260 20.43 16.76 -25.48
CA GLY A 260 20.57 15.72 -26.48
C GLY A 260 21.99 15.60 -26.99
N VAL A 262 22.85 12.51 -24.90
CA VAL A 262 22.65 11.10 -24.58
C VAL A 262 21.20 10.74 -24.94
N ALA A 263 20.97 9.51 -25.45
CA ALA A 263 19.64 9.07 -25.89
C ALA A 263 18.70 8.70 -24.76
N SER A 264 19.20 7.99 -23.73
CA SER A 264 18.36 7.54 -22.60
C SER A 264 19.11 7.53 -21.28
N ILE A 265 18.36 7.66 -20.16
CA ILE A 265 18.88 7.62 -18.79
C ILE A 265 17.81 7.05 -17.85
N VAL A 266 18.22 6.62 -16.65
CA VAL A 266 17.30 6.14 -15.61
C VAL A 266 17.10 7.33 -14.67
N GLN A 267 15.86 7.86 -14.59
CA GLN A 267 15.55 9.03 -13.77
C GLN A 267 14.09 9.02 -13.30
N GLY A 268 13.80 9.76 -12.24
CA GLY A 268 12.46 9.88 -11.67
C GLY A 268 11.63 11.01 -12.24
N PRO A 269 10.39 11.18 -11.74
CA PRO A 269 9.50 12.24 -12.27
C PRO A 269 9.82 13.67 -11.83
N TRP A 270 10.60 13.86 -10.76
CA TRP A 270 11.00 15.19 -10.28
C TRP A 270 11.80 16.02 -11.32
N GLU A 271 12.42 15.36 -12.34
CA GLU A 271 13.16 16.04 -13.42
C GLU A 271 12.30 16.29 -14.69
N ILE A 272 10.99 15.93 -14.70
CA ILE A 272 10.11 16.13 -15.86
C ILE A 272 10.10 17.60 -16.28
N THR A 273 9.89 18.50 -15.33
CA THR A 273 9.90 19.94 -15.58
C THR A 273 11.26 20.41 -16.09
N ASN A 274 12.35 19.84 -15.54
CA ASN A 274 13.72 20.15 -15.97
C ASN A 274 13.99 19.64 -17.40
N PHE A 275 13.38 18.49 -17.79
CA PHE A 275 13.56 17.94 -19.14
C PHE A 275 12.96 18.86 -20.20
N TYR A 276 11.73 19.36 -19.97
CA TYR A 276 11.06 20.25 -20.92
C TYR A 276 11.79 21.56 -21.19
N LYS A 277 12.63 22.04 -20.25
CA LYS A 277 13.41 23.28 -20.43
C LYS A 277 14.52 23.15 -21.50
N GLY A 278 15.04 21.94 -21.70
CA GLY A 278 16.12 21.70 -22.66
C GLY A 278 15.69 21.72 -24.12
N SER A 279 16.70 21.78 -25.02
CA SER A 279 16.49 21.85 -26.46
C SER A 279 16.01 20.53 -27.09
N ALA A 280 16.28 19.37 -26.45
CA ALA A 280 15.84 18.09 -26.98
C ALA A 280 14.33 17.93 -26.85
N PHE A 281 13.80 18.26 -25.65
CA PHE A 281 12.38 18.11 -25.35
C PHE A 281 11.57 19.41 -25.40
N LYS A 282 11.61 20.09 -26.55
CA LYS A 282 10.77 21.27 -26.80
C LYS A 282 9.37 20.69 -27.04
N ASP A 283 9.32 19.57 -27.79
CA ASP A 283 8.10 18.79 -28.01
C ASP A 283 7.99 17.85 -26.82
N LYS A 284 6.90 17.97 -26.03
CA LYS A 284 6.68 17.12 -24.85
C LYS A 284 6.44 15.65 -25.21
N ALA A 285 5.87 15.37 -26.40
CA ALA A 285 5.61 14.00 -26.87
C ALA A 285 6.91 13.23 -27.17
N ASN A 286 8.03 13.95 -27.43
CA ASN A 286 9.33 13.35 -27.68
C ASN A 286 9.84 12.57 -26.45
N LEU A 287 9.46 13.00 -25.23
CA LEU A 287 9.88 12.34 -23.98
C LEU A 287 9.18 10.99 -23.80
N GLY A 288 9.91 9.91 -24.06
CA GLY A 288 9.43 8.54 -23.90
C GLY A 288 9.74 8.05 -22.50
N ILE A 289 8.73 7.50 -21.80
CA ILE A 289 8.89 7.01 -20.42
C ILE A 289 8.52 5.52 -20.35
N ALA A 290 9.54 4.65 -20.26
CA ALA A 290 9.37 3.20 -20.15
C ALA A 290 9.96 2.70 -18.83
N THR A 291 9.49 1.53 -18.36
CA THR A 291 9.95 0.94 -17.11
C THR A 291 11.43 0.56 -17.23
N VAL A 292 12.15 0.54 -16.08
CA VAL A 292 13.57 0.16 -16.08
C VAL A 292 13.73 -1.27 -16.62
N PRO A 293 14.79 -1.59 -17.39
CA PRO A 293 14.92 -2.97 -17.90
C PRO A 293 15.12 -4.03 -16.81
N ALA A 294 14.71 -5.27 -17.08
CA ALA A 294 14.83 -6.38 -16.13
C ALA A 294 16.17 -7.10 -16.26
N GLY A 295 16.47 -7.93 -15.27
CA GLY A 295 17.71 -8.71 -15.22
C GLY A 295 17.46 -10.18 -15.38
N THR A 296 18.21 -11.01 -14.63
CA THR A 296 18.08 -12.46 -14.70
C THR A 296 16.77 -12.99 -14.08
N SER A 297 16.13 -12.21 -13.18
CA SER A 297 14.86 -12.60 -12.55
C SER A 297 13.67 -12.65 -13.52
N GLY A 298 13.76 -11.92 -14.63
CA GLY A 298 12.72 -11.88 -15.65
C GLY A 298 11.94 -10.58 -15.57
N LYS A 299 11.39 -10.27 -14.39
CA LYS A 299 10.63 -9.03 -14.17
C LYS A 299 11.57 -7.91 -13.75
N ALA A 300 11.16 -6.66 -14.03
CA ALA A 300 11.93 -5.47 -13.67
C ALA A 300 11.57 -4.99 -12.27
N GLY A 301 12.37 -4.06 -11.76
CA GLY A 301 12.15 -3.48 -10.44
C GLY A 301 12.91 -2.20 -10.22
N ALA A 302 12.26 -1.22 -9.56
CA ALA A 302 12.85 0.10 -9.27
C ALA A 302 12.55 0.46 -7.81
N PRO A 303 13.37 1.31 -7.16
CA PRO A 303 13.07 1.67 -5.76
C PRO A 303 11.97 2.71 -5.63
N THR A 304 11.05 2.52 -4.67
CA THR A 304 9.97 3.47 -4.41
C THR A 304 10.55 4.60 -3.59
N GLY A 305 10.15 5.83 -3.91
CA GLY A 305 10.62 7.03 -3.21
C GLY A 305 9.50 8.00 -2.91
N GLY A 306 9.89 9.24 -2.64
CA GLY A 306 8.97 10.32 -2.31
C GLY A 306 9.36 11.03 -1.04
N HIS A 307 8.47 11.91 -0.57
CA HIS A 307 8.69 12.69 0.64
C HIS A 307 7.41 12.79 1.46
N ASN A 308 7.55 12.93 2.79
CA ASN A 308 6.46 13.08 3.74
C ASN A 308 6.72 14.32 4.58
N LEU A 309 5.69 15.14 4.83
CA LEU A 309 5.84 16.30 5.71
C LEU A 309 5.73 15.79 7.14
N SER A 310 6.66 16.22 8.01
CA SER A 310 6.68 15.80 9.42
C SER A 310 7.04 16.98 10.33
N VAL A 311 6.40 17.04 11.52
CA VAL A 311 6.60 18.13 12.49
C VAL A 311 7.68 17.72 13.51
N TYR A 312 8.47 18.70 13.99
CA TYR A 312 9.52 18.50 14.98
C TYR A 312 8.91 18.43 16.40
N ALA A 313 9.22 17.36 17.16
CA ALA A 313 8.68 17.13 18.51
C ALA A 313 9.20 18.07 19.59
N GLY A 314 10.43 18.55 19.44
CA GLY A 314 11.04 19.48 20.39
C GLY A 314 10.44 20.88 20.39
N SER A 315 9.64 21.24 19.36
CA SER A 315 8.96 22.54 19.31
C SER A 315 7.89 22.63 20.39
N ASP A 316 7.57 23.86 20.80
CA ASP A 316 6.53 24.11 21.81
C ASP A 316 5.13 23.77 21.25
N LYS A 317 4.19 23.43 22.14
CA LYS A 317 2.81 23.03 21.78
C LYS A 317 2.08 24.02 20.88
N ALA A 318 2.42 25.32 20.96
CA ALA A 318 1.82 26.36 20.11
C ALA A 318 2.22 26.13 18.65
N HIS A 319 3.53 25.93 18.40
CA HIS A 319 4.05 25.69 17.06
C HIS A 319 3.62 24.33 16.50
N GLN A 320 3.41 23.32 17.37
CA GLN A 320 2.96 21.99 16.93
C GLN A 320 1.53 22.04 16.37
N GLU A 321 0.60 22.73 17.07
CA GLU A 321 -0.79 22.86 16.61
C GLU A 321 -0.86 23.66 15.30
N ALA A 322 -0.08 24.74 15.19
CA ALA A 322 -0.03 25.57 13.98
C ALA A 322 0.57 24.79 12.80
N SER A 323 1.55 23.90 13.07
CA SER A 323 2.19 23.07 12.05
C SER A 323 1.26 21.94 11.59
N LEU A 324 0.42 21.38 12.49
CA LEU A 324 -0.54 20.34 12.13
C LEU A 324 -1.60 20.89 11.14
N LYS A 325 -1.93 22.18 11.24
CA LYS A 325 -2.87 22.85 10.32
C LYS A 325 -2.22 23.03 8.94
N PHE A 326 -0.93 23.43 8.91
CA PHE A 326 -0.20 23.64 7.67
C PHE A 326 -0.09 22.37 6.85
N ILE A 327 0.20 21.24 7.51
CA ILE A 327 0.31 19.94 6.83
C ILE A 327 -1.05 19.48 6.29
N GLU A 328 -2.16 19.80 6.99
CA GLU A 328 -3.51 19.46 6.52
C GLU A 328 -3.80 20.20 5.21
N PHE A 329 -3.41 21.48 5.15
CA PHE A 329 -3.60 22.31 3.95
C PHE A 329 -2.65 21.87 2.83
N MET A 330 -1.34 21.69 3.14
CA MET A 330 -0.33 21.31 2.14
C MET A 330 -0.61 19.94 1.51
N THR A 331 -1.24 19.00 2.25
CA THR A 331 -1.59 17.68 1.73
C THR A 331 -3.10 17.56 1.50
N SER A 332 -3.71 18.59 0.90
CA SER A 332 -5.15 18.62 0.59
C SER A 332 -5.35 18.21 -0.86
N ALA A 333 -6.58 17.82 -1.23
CA ALA A 333 -6.92 17.41 -2.60
C ALA A 333 -6.64 18.54 -3.61
N LYS A 334 -6.86 19.80 -3.20
CA LYS A 334 -6.63 20.99 -4.05
C LYS A 334 -5.13 21.19 -4.26
N SER A 335 -4.36 21.27 -3.17
CA SER A 335 -2.92 21.51 -3.20
C SER A 335 -2.17 20.46 -4.01
N GLN A 336 -2.42 19.17 -3.73
CA GLN A 336 -1.76 18.08 -4.45
C GLN A 336 -2.10 18.06 -5.94
N GLU A 337 -3.36 18.39 -6.30
CA GLU A 337 -3.78 18.47 -7.71
C GLU A 337 -3.05 19.63 -8.41
N THR A 338 -2.83 20.75 -7.69
CA THR A 338 -2.09 21.89 -8.24
C THR A 338 -0.62 21.52 -8.42
N ILE A 339 0.00 20.96 -7.36
CA ILE A 339 1.41 20.53 -7.37
C ILE A 339 1.71 19.57 -8.53
N ALA A 340 0.77 18.66 -8.83
CA ALA A 340 0.91 17.71 -9.93
C ALA A 340 0.95 18.42 -11.28
N LEU A 341 0.11 19.44 -11.48
CA LEU A 341 0.07 20.19 -12.74
C LEU A 341 1.32 21.07 -12.95
N LYS A 342 1.89 21.62 -11.86
CA LYS A 342 3.06 22.49 -11.96
C LYS A 342 4.37 21.71 -12.01
N ASN A 343 4.61 20.85 -11.01
CA ASN A 343 5.84 20.07 -10.89
C ASN A 343 5.85 18.74 -11.66
N SER A 344 4.67 18.24 -12.09
CA SER A 344 4.53 16.94 -12.79
C SER A 344 4.90 15.74 -11.88
N THR A 345 4.86 15.94 -10.54
CA THR A 345 5.16 14.89 -9.55
C THR A 345 3.86 14.19 -9.21
N LEU A 346 3.91 12.88 -8.96
CA LEU A 346 2.71 12.08 -8.70
C LEU A 346 2.06 12.38 -7.34
N PRO A 347 0.75 12.72 -7.31
CA PRO A 347 0.09 12.93 -6.01
C PRO A 347 -0.12 11.62 -5.24
N THR A 348 -0.13 11.72 -3.90
CA THR A 348 -0.32 10.56 -3.01
C THR A 348 -1.81 10.23 -2.84
N ARG A 349 -2.69 11.25 -2.86
CA ARG A 349 -4.14 11.05 -2.73
C ARG A 349 -4.72 10.52 -4.03
N ASP A 350 -5.73 9.62 -3.92
CA ASP A 350 -6.40 9.03 -5.08
C ASP A 350 -7.37 10.05 -5.71
N ASP A 351 -8.06 10.84 -4.86
CA ASP A 351 -9.00 11.88 -5.32
C ASP A 351 -8.31 13.01 -6.12
N ALA A 352 -7.01 13.26 -5.88
CA ALA A 352 -6.25 14.30 -6.58
C ALA A 352 -6.03 14.00 -8.07
N TYR A 353 -6.15 12.73 -8.51
CA TYR A 353 -5.97 12.36 -9.92
C TYR A 353 -7.22 12.70 -10.74
N THR A 354 -7.29 13.95 -11.25
CA THR A 354 -8.40 14.42 -12.11
C THR A 354 -7.99 14.20 -13.58
N ALA A 355 -8.83 14.66 -14.53
CA ALA A 355 -8.52 14.53 -15.97
C ALA A 355 -7.36 15.43 -16.38
N GLU A 356 -7.21 16.61 -15.77
CA GLU A 356 -6.11 17.54 -16.07
C GLU A 356 -4.78 16.88 -15.68
N VAL A 357 -4.75 16.20 -14.52
CA VAL A 357 -3.59 15.48 -14.00
C VAL A 357 -3.29 14.26 -14.88
N LYS A 358 -4.32 13.45 -15.21
CA LYS A 358 -4.16 12.28 -16.08
C LYS A 358 -3.84 12.65 -17.54
N ALA A 359 -4.21 13.86 -18.00
CA ALA A 359 -3.92 14.30 -19.37
C ALA A 359 -2.43 14.63 -19.60
N ASP A 360 -1.69 14.99 -18.52
CA ASP A 360 -0.26 15.32 -18.62
C ASP A 360 0.53 14.10 -19.14
N PRO A 361 1.46 14.26 -20.11
CA PRO A 361 2.22 13.09 -20.59
C PRO A 361 3.07 12.41 -19.52
N GLY A 362 3.75 13.22 -18.71
CA GLY A 362 4.62 12.77 -17.64
C GLY A 362 3.95 11.92 -16.58
N ILE A 363 2.87 12.44 -15.99
CA ILE A 363 2.11 11.73 -14.95
C ILE A 363 1.52 10.42 -15.50
N ALA A 364 0.91 10.46 -16.70
CA ALA A 364 0.37 9.27 -17.35
C ALA A 364 1.47 8.23 -17.62
N GLY A 365 2.64 8.70 -18.06
CA GLY A 365 3.78 7.86 -18.34
C GLY A 365 4.39 7.21 -17.10
N TYR A 366 4.46 7.97 -15.98
CA TYR A 366 5.00 7.43 -14.72
C TYR A 366 3.99 6.58 -13.94
N GLN A 367 2.66 6.71 -14.20
CA GLN A 367 1.66 5.88 -13.52
C GLN A 367 1.77 4.42 -13.99
N THR A 368 2.24 4.19 -15.23
CA THR A 368 2.41 2.85 -15.79
C THR A 368 3.67 2.18 -15.23
N VAL A 369 4.79 2.93 -15.12
CA VAL A 369 6.05 2.40 -14.59
C VAL A 369 5.96 2.21 -13.07
N LEU A 370 5.03 2.92 -12.39
CA LEU A 370 4.80 2.77 -10.93
C LEU A 370 4.48 1.31 -10.58
N ALA A 371 3.96 0.54 -11.55
CA ALA A 371 3.68 -0.88 -11.39
C ALA A 371 4.91 -1.67 -10.95
N ALA A 372 6.12 -1.29 -11.40
CA ALA A 372 7.38 -1.97 -11.04
C ALA A 372 8.09 -1.40 -9.80
N ALA A 373 7.54 -0.36 -9.14
CA ALA A 373 8.16 0.26 -7.96
C ALA A 373 8.12 -0.65 -6.72
N ARG A 374 9.29 -1.18 -6.30
CA ARG A 374 9.40 -2.07 -5.14
C ARG A 374 9.34 -1.30 -3.82
N PRO A 375 8.36 -1.55 -2.91
CA PRO A 375 8.35 -0.83 -1.63
C PRO A 375 9.52 -1.17 -0.72
N ARG A 376 9.86 -0.24 0.19
CA ARG A 376 10.98 -0.42 1.11
C ARG A 376 10.53 -1.26 2.32
N PRO A 377 11.42 -2.10 2.89
CA PRO A 377 11.02 -2.93 4.04
C PRO A 377 11.04 -2.14 5.35
N GLU A 378 10.46 -2.73 6.42
CA GLU A 378 10.42 -2.09 7.74
C GLU A 378 11.80 -2.18 8.41
N LEU A 379 12.69 -1.27 8.02
CA LEU A 379 14.06 -1.18 8.56
C LEU A 379 14.49 0.30 8.54
N PRO A 380 14.55 0.98 9.71
CA PRO A 380 14.93 2.41 9.71
C PRO A 380 16.30 2.76 9.11
N GLU A 381 17.27 1.84 9.16
CA GLU A 381 18.61 2.08 8.63
C GLU A 381 18.75 1.78 7.13
N TYR A 382 17.68 1.28 6.46
CA TYR A 382 17.70 0.93 5.03
C TYR A 382 18.30 2.04 4.14
N SER A 383 17.96 3.30 4.41
CA SER A 383 18.49 4.44 3.64
C SER A 383 19.94 4.72 4.00
N SER A 384 20.33 4.49 5.28
CA SER A 384 21.71 4.68 5.75
C SER A 384 22.68 3.70 5.09
N LEU A 385 22.18 2.57 4.54
CA LEU A 385 23.00 1.57 3.87
C LEU A 385 23.51 2.08 2.52
N TRP A 386 22.79 3.03 1.89
CA TRP A 386 23.22 3.61 0.62
C TRP A 386 24.41 4.58 0.77
N GLY A 387 24.63 5.11 1.98
CA GLY A 387 25.75 6.01 2.25
C GLY A 387 27.08 5.37 1.92
N PRO A 388 27.47 4.29 2.63
CA PRO A 388 28.72 3.59 2.29
C PRO A 388 28.77 3.13 0.82
N LEU A 389 27.64 2.63 0.27
CA LEU A 389 27.57 2.19 -1.13
C LEU A 389 27.87 3.32 -2.11
N ASP A 390 27.36 4.54 -1.87
CA ASP A 390 27.64 5.69 -2.77
C ASP A 390 29.15 5.95 -2.87
N THR A 391 29.90 5.75 -1.76
CA THR A 391 31.35 5.93 -1.72
C THR A 391 32.06 4.76 -2.40
N GLU A 392 31.71 3.51 -2.00
CA GLU A 392 32.33 2.29 -2.52
C GLU A 392 32.03 2.04 -4.00
N LEU A 393 30.80 2.34 -4.47
CA LEU A 393 30.43 2.16 -5.88
C LEU A 393 31.14 3.19 -6.76
N LEU A 394 31.27 4.44 -6.27
CA LEU A 394 31.97 5.49 -7.04
C LEU A 394 33.46 5.12 -7.21
N ALA A 395 34.03 4.35 -6.26
CA ALA A 395 35.40 3.85 -6.36
C ALA A 395 35.46 2.73 -7.40
N ILE A 396 34.47 1.80 -7.38
CA ILE A 396 34.39 0.68 -8.34
C ILE A 396 34.21 1.23 -9.76
N ALA A 397 33.25 2.13 -9.95
CA ALA A 397 32.96 2.74 -11.26
C ALA A 397 34.12 3.59 -11.79
N GLY A 398 34.82 4.28 -10.88
CA GLY A 398 35.96 5.13 -11.23
C GLY A 398 37.24 4.41 -11.59
N GLY A 399 37.33 3.11 -11.31
CA GLY A 399 38.53 2.32 -11.60
C GLY A 399 39.62 2.50 -10.57
N LYS A 400 39.25 2.76 -9.30
CA LYS A 400 40.19 2.92 -8.19
C LYS A 400 40.30 1.62 -7.37
N GLU A 401 39.17 0.88 -7.24
CA GLU A 401 39.13 -0.41 -6.56
C GLU A 401 38.46 -1.44 -7.48
N SER A 402 38.68 -2.74 -7.22
CA SER A 402 38.05 -3.80 -8.01
C SER A 402 36.60 -3.99 -7.53
N LEU A 403 35.84 -4.88 -8.19
CA LEU A 403 34.44 -5.13 -7.83
C LEU A 403 34.31 -5.76 -6.43
N ASP A 404 34.98 -6.90 -6.19
CA ASP A 404 34.93 -7.56 -4.87
C ASP A 404 35.61 -6.73 -3.77
N LYS A 405 36.56 -5.84 -4.12
CA LYS A 405 37.25 -4.98 -3.15
C LYS A 405 36.26 -4.00 -2.52
N GLY A 406 35.54 -3.26 -3.35
CA GLY A 406 34.55 -2.29 -2.90
C GLY A 406 33.33 -2.92 -2.23
N LEU A 407 32.81 -4.03 -2.79
CA LEU A 407 31.66 -4.74 -2.23
C LEU A 407 31.98 -5.36 -0.87
N GLY A 408 33.21 -5.84 -0.71
CA GLY A 408 33.67 -6.40 0.56
C GLY A 408 33.75 -5.33 1.62
N ASN A 409 34.25 -4.12 1.24
CA ASN A 409 34.34 -2.97 2.15
C ASN A 409 32.94 -2.44 2.51
N ALA A 410 32.02 -2.41 1.52
CA ALA A 410 30.63 -1.97 1.74
C ALA A 410 29.92 -2.90 2.72
N GLU A 411 30.18 -4.23 2.60
CA GLU A 411 29.61 -5.23 3.49
C GLU A 411 30.08 -5.01 4.95
N THR A 412 31.35 -4.59 5.15
CA THR A 412 31.89 -4.31 6.48
C THR A 412 31.36 -2.96 7.00
N ALA A 413 31.27 -1.95 6.12
CA ALA A 413 30.77 -0.61 6.47
C ALA A 413 29.27 -0.64 6.81
N ILE A 414 28.49 -1.52 6.15
CA ILE A 414 27.05 -1.70 6.40
C ILE A 414 26.86 -2.35 7.77
N ALA A 415 27.65 -3.40 8.08
CA ALA A 415 27.59 -4.13 9.35
C ALA A 415 27.71 -3.22 10.59
N LYS A 416 28.39 -2.06 10.48
CA LYS A 416 28.51 -1.12 11.60
C LYS A 416 27.16 -0.46 11.92
N LEU A 417 26.49 0.06 10.88
CA LEU A 417 25.20 0.74 11.01
C LEU A 417 24.06 -0.22 11.39
N VAL A 418 24.19 -1.51 11.04
CA VAL A 418 23.17 -2.53 11.31
C VAL A 418 23.89 -3.85 11.66
N PRO A 419 24.34 -4.02 12.92
CA PRO A 419 25.06 -5.26 13.28
C PRO A 419 24.20 -6.50 13.57
N ASP A 420 22.90 -6.50 13.20
CA ASP A 420 21.98 -7.62 13.47
C ASP A 420 21.95 -8.65 12.32
N TYR A 421 23.01 -8.78 11.48
CA TYR A 421 22.94 -9.65 10.31
C TYR A 421 23.38 -11.17 10.54
N SER A 422 24.54 -11.73 10.11
CA SER A 422 25.87 -11.21 9.79
C SER A 422 26.48 -11.76 8.47
N LYS A 423 26.69 -10.86 7.48
CA LYS A 423 27.43 -11.04 6.23
C LYS A 423 27.21 -12.36 5.44
N GLY B 31 -33.18 -15.07 41.43
CA GLY B 31 -32.04 -14.20 41.17
C GLY B 31 -30.75 -14.96 40.99
N GLY B 32 -30.53 -15.44 39.76
CA GLY B 32 -29.34 -16.20 39.37
C GLY B 32 -28.35 -15.39 38.56
N PRO B 33 -27.51 -16.03 37.71
CA PRO B 33 -26.56 -15.27 36.89
C PRO B 33 -27.21 -14.59 35.68
N VAL B 34 -26.43 -13.74 34.99
CA VAL B 34 -26.89 -12.99 33.81
C VAL B 34 -26.69 -13.84 32.54
N THR B 35 -27.79 -14.24 31.88
CA THR B 35 -27.74 -15.07 30.67
C THR B 35 -27.59 -14.21 29.41
N LEU B 36 -26.35 -14.12 28.86
CA LEU B 36 -26.06 -13.36 27.64
C LEU B 36 -26.21 -14.27 26.41
N THR B 37 -26.68 -13.71 25.27
CA THR B 37 -26.86 -14.43 24.00
C THR B 37 -25.91 -13.84 22.96
N TRP B 38 -24.79 -14.53 22.65
CA TRP B 38 -23.80 -14.05 21.68
C TRP B 38 -23.95 -14.70 20.30
N TRP B 39 -24.21 -13.88 19.27
CA TRP B 39 -24.37 -14.33 17.88
C TRP B 39 -23.03 -14.20 17.16
N ASP B 40 -22.33 -15.34 16.95
CA ASP B 40 -21.03 -15.38 16.28
C ASP B 40 -21.23 -15.54 14.76
N THR B 41 -20.45 -14.79 13.96
CA THR B 41 -20.51 -14.82 12.49
C THR B 41 -19.22 -15.35 11.87
N SER B 42 -18.34 -15.98 12.69
CA SER B 42 -17.07 -16.51 12.21
C SER B 42 -17.23 -17.85 11.52
N ASN B 43 -16.12 -18.37 10.95
CA ASN B 43 -16.13 -19.67 10.28
C ASN B 43 -16.42 -20.75 11.31
N ALA B 44 -17.49 -21.50 11.10
CA ALA B 44 -17.96 -22.53 12.01
C ALA B 44 -16.99 -23.71 12.22
N THR B 45 -16.08 -23.96 11.25
CA THR B 45 -15.13 -25.07 11.34
C THR B 45 -13.78 -24.68 11.94
N ASN B 46 -13.21 -23.53 11.53
CA ASN B 46 -11.87 -23.11 11.95
C ASN B 46 -11.84 -22.05 13.05
N GLU B 47 -12.71 -21.03 12.98
CA GLU B 47 -12.73 -19.93 13.95
C GLU B 47 -13.62 -20.18 15.16
N ALA B 48 -14.77 -20.86 15.00
CA ALA B 48 -15.71 -21.10 16.11
C ALA B 48 -15.14 -21.88 17.30
N PRO B 49 -14.38 -22.99 17.10
CA PRO B 49 -13.83 -23.72 18.26
C PRO B 49 -12.93 -22.86 19.16
N THR B 50 -12.14 -21.96 18.56
CA THR B 50 -11.24 -21.05 19.29
C THR B 50 -12.04 -20.10 20.17
N TYR B 51 -13.17 -19.56 19.65
CA TYR B 51 -14.02 -18.64 20.40
C TYR B 51 -14.85 -19.36 21.46
N LYS B 52 -15.32 -20.59 21.18
CA LYS B 52 -16.07 -21.41 22.15
C LYS B 52 -15.23 -21.68 23.41
N ALA B 53 -13.89 -21.81 23.25
CA ALA B 53 -12.96 -22.03 24.35
C ALA B 53 -12.83 -20.77 25.22
N LEU B 54 -12.77 -19.57 24.61
CA LEU B 54 -12.69 -18.30 25.33
C LEU B 54 -13.99 -18.00 26.09
N VAL B 55 -15.14 -18.45 25.57
CA VAL B 55 -16.44 -18.28 26.24
C VAL B 55 -16.39 -19.00 27.60
N LYS B 56 -15.79 -20.20 27.67
CA LYS B 56 -15.65 -20.95 28.92
C LYS B 56 -14.66 -20.29 29.89
N GLU B 57 -13.56 -19.68 29.38
CA GLU B 57 -12.58 -18.97 30.21
C GLU B 57 -13.21 -17.80 30.97
N PHE B 58 -14.13 -17.08 30.31
CA PHE B 58 -14.84 -15.94 30.92
C PHE B 58 -15.83 -16.44 31.98
N GLU B 59 -16.57 -17.53 31.66
CA GLU B 59 -17.55 -18.14 32.57
C GLU B 59 -16.86 -18.77 33.79
N ALA B 60 -15.61 -19.26 33.63
CA ALA B 60 -14.84 -19.85 34.73
C ALA B 60 -14.38 -18.76 35.69
N ALA B 61 -13.87 -17.62 35.17
CA ALA B 61 -13.41 -16.50 35.98
C ALA B 61 -14.60 -15.76 36.62
N HIS B 62 -15.67 -15.49 35.84
CA HIS B 62 -16.87 -14.79 36.30
C HIS B 62 -18.06 -15.77 36.40
N LYS B 63 -18.51 -16.08 37.63
CA LYS B 63 -19.62 -17.02 37.85
C LYS B 63 -20.99 -16.37 37.67
N ASP B 64 -21.12 -15.08 38.01
CA ASP B 64 -22.39 -14.37 37.90
C ASP B 64 -22.85 -14.10 36.45
N ILE B 65 -22.02 -14.39 35.41
CA ILE B 65 -22.36 -14.15 34.00
C ILE B 65 -22.14 -15.42 33.17
N LYS B 66 -23.21 -15.93 32.53
CA LYS B 66 -23.16 -17.13 31.66
C LYS B 66 -23.51 -16.70 30.22
N VAL B 67 -22.68 -17.09 29.23
CA VAL B 67 -22.87 -16.70 27.82
C VAL B 67 -23.33 -17.91 26.97
N LYS B 68 -24.41 -17.71 26.18
CA LYS B 68 -25.00 -18.72 25.30
C LYS B 68 -24.41 -18.55 23.88
N TYR B 69 -23.51 -19.46 23.47
CA TYR B 69 -22.88 -19.40 22.16
C TYR B 69 -23.84 -19.83 21.05
N VAL B 70 -23.99 -19.01 19.99
CA VAL B 70 -24.85 -19.30 18.84
C VAL B 70 -24.12 -18.85 17.57
N ASN B 71 -23.78 -19.81 16.68
CA ASN B 71 -23.12 -19.47 15.41
C ASN B 71 -24.19 -19.19 14.37
N VAL B 72 -24.18 -17.98 13.79
CA VAL B 72 -25.14 -17.55 12.78
C VAL B 72 -24.40 -17.39 11.44
N PRO B 73 -24.81 -18.05 10.33
CA PRO B 73 -24.08 -17.86 9.05
C PRO B 73 -23.95 -16.40 8.63
N PHE B 74 -22.72 -15.99 8.23
CA PHE B 74 -22.38 -14.62 7.84
C PHE B 74 -23.32 -14.00 6.80
N ASP B 75 -23.72 -14.77 5.78
CA ASP B 75 -24.64 -14.30 4.74
C ASP B 75 -26.03 -13.90 5.30
N GLN B 76 -26.49 -14.61 6.35
CA GLN B 76 -27.79 -14.35 6.98
C GLN B 76 -27.71 -13.45 8.22
N ALA B 77 -26.52 -13.35 8.86
CA ALA B 77 -26.30 -12.56 10.08
C ALA B 77 -26.74 -11.09 10.02
N GLN B 78 -26.59 -10.42 8.87
CA GLN B 78 -26.97 -9.01 8.72
C GLN B 78 -28.50 -8.86 8.76
N ASN B 79 -29.19 -9.67 7.94
CA ASN B 79 -30.65 -9.62 7.86
C ASN B 79 -31.32 -10.17 9.12
N LYS B 80 -30.76 -11.25 9.72
CA LYS B 80 -31.31 -11.84 10.95
C LYS B 80 -31.28 -10.86 12.12
N PHE B 81 -30.17 -10.13 12.30
CA PHE B 81 -30.04 -9.15 13.38
C PHE B 81 -30.95 -7.96 13.13
N ASP B 82 -31.02 -7.46 11.88
CA ASP B 82 -31.88 -6.32 11.54
C ASP B 82 -33.35 -6.64 11.89
N THR B 83 -33.78 -7.89 11.67
CA THR B 83 -35.14 -8.34 12.00
C THR B 83 -35.34 -8.42 13.52
N ALA B 84 -34.45 -9.14 14.21
CA ALA B 84 -34.55 -9.36 15.66
C ALA B 84 -34.36 -8.09 16.51
N ALA B 85 -33.41 -7.21 16.13
CA ALA B 85 -33.09 -5.98 16.88
C ALA B 85 -34.29 -5.06 17.17
N GLY B 86 -35.19 -4.92 16.19
CA GLY B 86 -36.39 -4.10 16.37
C GLY B 86 -37.46 -4.79 17.19
N ALA B 87 -37.65 -6.11 16.96
CA ALA B 87 -38.64 -6.95 17.64
C ALA B 87 -37.98 -7.69 18.82
N THR B 88 -38.38 -8.94 19.14
CA THR B 88 -37.81 -9.74 20.23
C THR B 88 -36.83 -10.80 19.68
N GLY B 89 -36.17 -11.52 20.58
CA GLY B 89 -35.21 -12.55 20.23
C GLY B 89 -33.87 -12.00 19.76
N ALA B 90 -33.56 -10.73 20.09
CA ALA B 90 -32.32 -10.09 19.71
C ALA B 90 -31.18 -10.58 20.60
N PRO B 91 -29.96 -10.73 20.06
CA PRO B 91 -28.84 -11.14 20.90
C PRO B 91 -28.33 -9.98 21.74
N ASP B 92 -27.71 -10.27 22.88
CA ASP B 92 -27.18 -9.22 23.75
C ASP B 92 -25.83 -8.72 23.22
N ILE B 93 -24.97 -9.64 22.75
CA ILE B 93 -23.65 -9.34 22.16
C ILE B 93 -23.71 -9.79 20.69
N LEU B 94 -22.87 -9.22 19.82
CA LEU B 94 -22.85 -9.58 18.40
C LEU B 94 -21.48 -9.35 17.78
N ARG B 95 -21.01 -10.30 16.94
CA ARG B 95 -19.73 -10.19 16.23
C ARG B 95 -20.02 -9.43 14.93
N SER B 96 -20.16 -8.10 15.05
CA SER B 96 -20.49 -7.23 13.93
C SER B 96 -19.31 -7.02 12.99
N GLU B 97 -19.60 -6.92 11.68
CA GLU B 97 -18.60 -6.67 10.65
C GLU B 97 -18.29 -5.16 10.68
N VAL B 98 -17.06 -4.76 10.28
CA VAL B 98 -16.63 -3.35 10.30
C VAL B 98 -17.54 -2.39 9.49
N GLY B 99 -18.21 -2.92 8.47
CA GLY B 99 -19.14 -2.18 7.63
C GLY B 99 -20.57 -2.13 8.14
N TRP B 100 -20.96 -3.12 8.96
CA TRP B 100 -22.30 -3.20 9.55
C TRP B 100 -22.40 -2.36 10.83
N THR B 101 -21.26 -1.99 11.46
CA THR B 101 -21.26 -1.24 12.71
C THR B 101 -21.79 0.18 12.52
N PRO B 102 -21.32 1.00 11.56
CA PRO B 102 -21.93 2.32 11.38
C PRO B 102 -23.38 2.25 10.91
N ALA B 103 -23.76 1.18 10.16
CA ALA B 103 -25.13 0.97 9.69
C ALA B 103 -26.07 0.70 10.86
N PHE B 104 -25.76 -0.31 11.69
CA PHE B 104 -26.60 -0.63 12.85
C PHE B 104 -26.49 0.43 13.95
N ALA B 105 -25.39 1.22 13.98
CA ALA B 105 -25.25 2.34 14.93
C ALA B 105 -26.17 3.46 14.47
N LYS B 106 -26.31 3.66 13.14
CA LYS B 106 -27.23 4.66 12.56
C LYS B 106 -28.67 4.23 12.87
N LYS B 107 -28.97 2.91 12.78
CA LYS B 107 -30.31 2.37 13.09
C LYS B 107 -30.64 2.30 14.60
N GLY B 108 -29.70 2.69 15.47
CA GLY B 108 -29.92 2.73 16.92
C GLY B 108 -30.01 1.39 17.62
N PHE B 109 -29.53 0.30 16.99
CA PHE B 109 -29.57 -1.02 17.62
C PHE B 109 -28.42 -1.21 18.59
N PHE B 110 -27.22 -0.68 18.27
CA PHE B 110 -26.05 -0.81 19.14
C PHE B 110 -25.97 0.27 20.22
N LEU B 111 -25.37 -0.10 21.36
CA LEU B 111 -25.20 0.79 22.51
C LEU B 111 -23.85 1.52 22.35
N PRO B 112 -23.76 2.84 22.65
CA PRO B 112 -22.46 3.51 22.55
C PRO B 112 -21.54 3.08 23.68
N LEU B 113 -20.28 2.77 23.35
CA LEU B 113 -19.29 2.29 24.31
C LEU B 113 -18.32 3.37 24.81
N ASP B 114 -18.61 4.67 24.55
CA ASP B 114 -17.73 5.77 24.98
C ASP B 114 -17.74 5.91 26.51
N GLY B 115 -16.56 5.80 27.12
CA GLY B 115 -16.40 5.90 28.56
C GLY B 115 -16.98 4.71 29.29
N THR B 116 -16.59 3.50 28.86
CA THR B 116 -17.06 2.24 29.45
C THR B 116 -15.88 1.31 29.72
N GLU B 117 -16.12 0.24 30.49
CA GLU B 117 -15.07 -0.74 30.82
C GLU B 117 -14.58 -1.52 29.58
N ALA B 118 -15.42 -1.62 28.51
CA ALA B 118 -15.02 -2.28 27.26
C ALA B 118 -13.90 -1.51 26.55
N LEU B 119 -13.90 -0.16 26.63
CA LEU B 119 -12.86 0.70 26.04
C LEU B 119 -11.89 1.22 27.11
N LYS B 120 -11.53 0.39 28.12
CA LYS B 120 -10.56 0.80 29.14
C LYS B 120 -9.14 0.90 28.55
N ASP B 121 -8.87 0.06 27.52
CA ASP B 121 -7.60 0.00 26.80
C ASP B 121 -7.80 0.56 25.38
N GLN B 122 -8.40 1.76 25.27
CA GLN B 122 -8.65 2.41 23.98
C GLN B 122 -7.33 2.82 23.29
N ASP B 123 -6.30 3.18 24.07
CA ASP B 123 -4.99 3.58 23.52
C ASP B 123 -4.19 2.41 22.90
N LYS B 124 -4.45 1.15 23.33
CA LYS B 124 -3.70 -0.02 22.84
C LYS B 124 -4.10 -0.47 21.43
N PHE B 125 -5.36 -0.25 21.02
CA PHE B 125 -5.83 -0.64 19.69
C PHE B 125 -5.26 0.27 18.61
N GLN B 126 -5.38 -0.15 17.34
CA GLN B 126 -4.96 0.68 16.20
C GLN B 126 -6.01 1.79 16.07
N PRO B 127 -5.62 3.08 15.95
CA PRO B 127 -6.64 4.14 15.87
C PRO B 127 -7.50 4.12 14.60
N SER B 128 -6.95 3.60 13.49
CA SER B 128 -7.68 3.47 12.22
C SER B 128 -8.86 2.50 12.33
N LEU B 129 -8.73 1.47 13.18
CA LEU B 129 -9.79 0.48 13.39
C LEU B 129 -10.88 1.02 14.34
N ILE B 130 -10.50 1.93 15.27
CA ILE B 130 -11.45 2.59 16.17
C ILE B 130 -12.29 3.59 15.35
N LYS B 131 -11.70 4.19 14.30
CA LYS B 131 -12.40 5.11 13.41
C LYS B 131 -13.49 4.35 12.62
N GLN B 132 -13.21 3.09 12.20
CA GLN B 132 -14.20 2.25 11.50
C GLN B 132 -15.38 1.88 12.40
N ALA B 133 -15.13 1.68 13.70
CA ALA B 133 -16.19 1.36 14.67
C ALA B 133 -17.03 2.59 15.02
N GLN B 134 -16.45 3.81 14.89
CA GLN B 134 -17.15 5.05 15.20
C GLN B 134 -18.23 5.44 14.19
N TYR B 135 -19.23 6.18 14.68
CA TYR B 135 -20.35 6.72 13.89
C TYR B 135 -20.77 8.06 14.50
N ASP B 136 -20.70 9.15 13.72
CA ASP B 136 -21.09 10.49 14.18
C ASP B 136 -20.34 10.91 15.46
N GLY B 137 -19.04 10.59 15.50
CA GLY B 137 -18.17 10.92 16.64
C GLY B 137 -18.43 10.15 17.91
N LYS B 138 -18.93 8.89 17.81
CA LYS B 138 -19.21 8.03 18.96
C LYS B 138 -18.94 6.57 18.61
N THR B 139 -18.17 5.86 19.46
CA THR B 139 -17.80 4.46 19.25
C THR B 139 -18.93 3.51 19.67
N TYR B 140 -19.31 2.57 18.77
CA TYR B 140 -20.36 1.56 19.01
C TYR B 140 -19.84 0.11 18.97
N GLY B 141 -18.52 -0.09 18.81
CA GLY B 141 -17.92 -1.41 18.75
C GLY B 141 -16.45 -1.40 19.09
N VAL B 142 -15.91 -2.56 19.53
CA VAL B 142 -14.51 -2.71 19.90
C VAL B 142 -13.78 -3.54 18.85
N PRO B 143 -12.73 -3.01 18.15
CA PRO B 143 -12.03 -3.82 17.14
C PRO B 143 -11.55 -5.18 17.63
N PHE B 144 -12.13 -6.26 17.08
CA PHE B 144 -11.83 -7.64 17.47
C PHE B 144 -10.74 -8.22 16.58
N VAL B 145 -10.92 -8.13 15.26
CA VAL B 145 -9.96 -8.62 14.25
C VAL B 145 -9.86 -7.63 13.08
N THR B 146 -8.82 -7.77 12.25
CA THR B 146 -8.59 -6.94 11.07
C THR B 146 -8.15 -7.83 9.91
N ASP B 147 -8.45 -7.43 8.67
CA ASP B 147 -8.04 -8.20 7.49
C ASP B 147 -8.15 -7.42 6.18
N THR B 148 -7.54 -7.99 5.14
CA THR B 148 -7.58 -7.47 3.77
C THR B 148 -7.40 -8.64 2.81
N LEU B 149 -7.85 -8.48 1.55
CA LEU B 149 -7.69 -9.52 0.54
C LEU B 149 -6.26 -9.50 0.01
N ALA B 150 -5.74 -10.67 -0.38
CA ALA B 150 -4.38 -10.79 -0.91
C ALA B 150 -4.31 -11.91 -1.93
N LEU B 151 -3.50 -11.74 -2.97
CA LEU B 151 -3.34 -12.78 -3.99
C LEU B 151 -2.52 -13.93 -3.41
N VAL B 152 -3.20 -14.95 -2.86
CA VAL B 152 -2.55 -16.13 -2.30
C VAL B 152 -2.23 -17.09 -3.46
N TYR B 153 -1.07 -17.75 -3.42
CA TYR B 153 -0.65 -18.64 -4.49
C TYR B 153 0.12 -19.86 -4.02
N ASN B 154 0.24 -20.85 -4.91
CA ASN B 154 0.94 -22.10 -4.69
C ASN B 154 2.38 -21.94 -5.18
N LYS B 155 3.36 -21.94 -4.27
CA LYS B 155 4.78 -21.78 -4.63
C LYS B 155 5.32 -22.95 -5.47
N GLN B 156 4.85 -24.19 -5.22
CA GLN B 156 5.33 -25.36 -5.99
C GLN B 156 4.92 -25.26 -7.46
N LEU B 157 3.65 -24.92 -7.74
CA LEU B 157 3.15 -24.79 -9.12
C LEU B 157 3.80 -23.61 -9.85
N PHE B 158 4.06 -22.50 -9.13
CA PHE B 158 4.72 -21.32 -9.72
C PHE B 158 6.20 -21.64 -10.02
N GLU B 159 6.87 -22.39 -9.10
CA GLU B 159 8.26 -22.81 -9.27
C GLU B 159 8.38 -23.79 -10.43
N LYS B 160 7.42 -24.74 -10.54
CA LYS B 160 7.38 -25.71 -11.65
C LYS B 160 7.13 -25.02 -13.00
N ALA B 161 6.34 -23.92 -13.00
CA ALA B 161 6.05 -23.14 -14.21
C ALA B 161 7.13 -22.10 -14.58
N GLY B 162 8.24 -22.06 -13.83
CA GLY B 162 9.33 -21.14 -14.08
C GLY B 162 9.04 -19.70 -13.69
N LEU B 163 8.32 -19.50 -12.55
CA LEU B 163 7.95 -18.19 -12.03
C LEU B 163 8.46 -18.05 -10.60
N THR B 164 9.20 -16.98 -10.31
CA THR B 164 9.77 -16.75 -8.98
C THR B 164 8.83 -15.89 -8.14
N GLU B 165 8.54 -14.67 -8.61
CA GLU B 165 7.68 -13.70 -7.93
C GLU B 165 6.24 -13.78 -8.41
N ALA B 166 5.34 -13.08 -7.72
CA ALA B 166 3.91 -13.03 -8.04
C ALA B 166 3.65 -11.95 -9.11
N PRO B 167 2.58 -12.06 -9.93
CA PRO B 167 2.34 -11.02 -10.94
C PRO B 167 1.98 -9.66 -10.33
N ARG B 168 2.69 -8.60 -10.74
CA ARG B 168 2.48 -7.25 -10.21
C ARG B 168 1.20 -6.58 -10.71
N THR B 169 0.76 -6.87 -11.94
CA THR B 169 -0.47 -6.26 -12.51
C THR B 169 -1.45 -7.32 -12.97
N TRP B 170 -2.69 -6.88 -13.27
CA TRP B 170 -3.76 -7.77 -13.74
C TRP B 170 -3.42 -8.36 -15.11
N ASP B 171 -2.67 -7.61 -15.95
CA ASP B 171 -2.24 -8.07 -17.27
C ASP B 171 -1.20 -9.19 -17.11
N ASP B 172 -0.31 -9.08 -16.10
CA ASP B 172 0.71 -10.11 -15.82
C ASP B 172 0.05 -11.37 -15.30
N LEU B 173 -1.07 -11.25 -14.55
CA LEU B 173 -1.82 -12.39 -14.01
C LEU B 173 -2.43 -13.20 -15.15
N LYS B 174 -2.96 -12.52 -16.20
CA LYS B 174 -3.54 -13.21 -17.37
C LYS B 174 -2.45 -14.01 -18.11
N LYS B 175 -1.25 -13.41 -18.27
CA LYS B 175 -0.12 -14.06 -18.94
C LYS B 175 0.45 -15.19 -18.08
N ALA B 176 0.58 -14.95 -16.76
CA ALA B 176 1.10 -15.92 -15.81
C ALA B 176 0.26 -17.19 -15.77
N ALA B 177 -1.08 -17.06 -15.87
CA ALA B 177 -1.99 -18.21 -15.84
C ALA B 177 -1.79 -19.14 -17.04
N ALA B 178 -1.63 -18.56 -18.25
CA ALA B 178 -1.41 -19.32 -19.47
C ALA B 178 -0.08 -20.10 -19.42
N THR B 179 0.96 -19.53 -18.79
CA THR B 179 2.26 -20.18 -18.65
C THR B 179 2.15 -21.35 -17.65
N ILE B 180 1.37 -21.17 -16.57
CA ILE B 180 1.14 -22.21 -15.55
C ILE B 180 0.30 -23.34 -16.18
N LYS B 181 -0.65 -22.98 -17.06
CA LYS B 181 -1.51 -23.94 -17.75
C LYS B 181 -0.72 -24.75 -18.79
N GLY B 182 0.20 -24.08 -19.49
CA GLY B 182 1.04 -24.73 -20.48
C GLY B 182 2.06 -25.68 -19.87
N LYS B 183 2.62 -25.32 -18.71
CA LYS B 183 3.63 -26.14 -18.02
C LYS B 183 3.02 -27.29 -17.20
N THR B 184 2.20 -26.95 -16.18
CA THR B 184 1.61 -27.91 -15.25
C THR B 184 0.26 -28.51 -15.67
N GLY B 185 -0.54 -27.78 -16.45
CA GLY B 185 -1.87 -28.23 -16.87
C GLY B 185 -2.97 -27.89 -15.87
N VAL B 186 -2.62 -27.10 -14.82
CA VAL B 186 -3.53 -26.68 -13.75
C VAL B 186 -3.97 -25.24 -14.05
N ASP B 187 -5.23 -24.89 -13.70
CA ASP B 187 -5.73 -23.53 -13.92
C ASP B 187 -4.95 -22.53 -13.06
N GLY B 188 -4.45 -21.47 -13.69
CA GLY B 188 -3.66 -20.45 -13.02
C GLY B 188 -4.43 -19.56 -12.05
N TYR B 189 -5.69 -19.24 -12.37
CA TYR B 189 -6.48 -18.35 -11.53
C TYR B 189 -7.99 -18.56 -11.65
N TRP B 190 -8.71 -18.38 -10.53
CA TRP B 190 -10.17 -18.48 -10.46
C TRP B 190 -10.66 -17.35 -9.55
N GLY B 191 -11.04 -16.24 -10.17
CA GLY B 191 -11.52 -15.07 -9.46
C GLY B 191 -12.92 -15.24 -8.92
N SER B 192 -13.26 -14.47 -7.88
CA SER B 192 -14.58 -14.53 -7.25
C SER B 192 -15.54 -13.57 -7.97
N THR B 193 -16.81 -13.98 -8.08
CA THR B 193 -17.86 -13.19 -8.73
C THR B 193 -18.47 -12.14 -7.79
N GLN B 194 -18.15 -12.18 -6.48
CA GLN B 194 -18.68 -11.25 -5.48
C GLN B 194 -18.12 -9.84 -5.63
N ALA B 195 -18.91 -8.84 -5.19
CA ALA B 195 -18.58 -7.41 -5.27
C ALA B 195 -17.42 -7.00 -4.37
N TYR B 196 -17.31 -7.62 -3.18
CA TYR B 196 -16.22 -7.33 -2.23
C TYR B 196 -14.86 -7.68 -2.85
N TYR B 197 -14.81 -8.80 -3.58
CA TYR B 197 -13.60 -9.26 -4.24
C TYR B 197 -13.34 -8.46 -5.51
N ALA B 198 -14.41 -8.06 -6.22
CA ALA B 198 -14.30 -7.23 -7.42
C ALA B 198 -13.90 -5.77 -7.09
N GLN B 199 -13.98 -5.35 -5.80
CA GLN B 199 -13.62 -4.00 -5.35
C GLN B 199 -12.11 -3.70 -5.54
N SER B 200 -11.25 -4.74 -5.53
CA SER B 200 -9.81 -4.60 -5.74
C SER B 200 -9.45 -4.03 -7.12
N PHE B 201 -10.31 -4.26 -8.12
CA PHE B 201 -10.12 -3.75 -9.48
C PHE B 201 -10.40 -2.26 -9.54
N LEU B 202 -11.42 -1.77 -8.80
CA LEU B 202 -11.73 -0.34 -8.75
C LEU B 202 -10.56 0.42 -8.15
N TYR B 203 -9.93 -0.14 -7.09
CA TYR B 203 -8.77 0.48 -6.46
C TYR B 203 -7.54 0.40 -7.38
N GLY B 204 -7.41 -0.69 -8.13
CA GLY B 204 -6.32 -0.88 -9.10
C GLY B 204 -6.33 0.14 -10.22
N ASP B 205 -7.53 0.54 -10.69
CA ASP B 205 -7.69 1.56 -11.75
C ASP B 205 -7.68 3.00 -11.22
N GLY B 206 -7.86 3.19 -9.90
CA GLY B 206 -7.80 4.49 -9.26
C GLY B 206 -9.14 5.14 -8.98
N THR B 207 -10.09 4.39 -8.42
CA THR B 207 -11.41 4.91 -8.07
C THR B 207 -12.08 4.09 -6.97
N ASP B 208 -13.23 4.59 -6.47
CA ASP B 208 -14.02 3.95 -5.41
C ASP B 208 -15.46 3.75 -5.90
N THR B 209 -16.29 3.05 -5.11
CA THR B 209 -17.69 2.79 -5.48
C THR B 209 -18.45 4.11 -5.60
N VAL B 210 -18.19 5.04 -4.68
CA VAL B 210 -18.77 6.39 -4.68
C VAL B 210 -17.71 7.37 -4.19
N ASP B 211 -17.90 8.64 -4.48
CA ASP B 211 -17.02 9.70 -3.99
C ASP B 211 -17.85 10.38 -2.90
N VAL B 212 -17.51 10.18 -1.61
CA VAL B 212 -18.29 10.76 -0.51
C VAL B 212 -18.21 12.29 -0.51
N PRO B 213 -17.02 12.90 -0.72
CA PRO B 213 -16.93 14.37 -0.72
C PRO B 213 -17.83 15.04 -1.77
N ALA B 214 -17.77 14.57 -3.03
CA ALA B 214 -18.59 15.09 -4.12
C ALA B 214 -20.02 14.53 -4.11
N LYS B 215 -20.22 13.33 -3.54
CA LYS B 215 -21.50 12.61 -3.49
C LYS B 215 -21.95 12.26 -4.91
N LYS B 216 -21.45 11.14 -5.46
CA LYS B 216 -21.81 10.68 -6.79
C LYS B 216 -21.59 9.17 -6.96
N ILE B 217 -22.42 8.49 -7.78
CA ILE B 217 -22.30 7.05 -8.02
C ILE B 217 -21.31 6.90 -9.16
N THR B 218 -20.18 6.22 -8.91
CA THR B 218 -19.14 6.01 -9.93
C THR B 218 -19.03 4.54 -10.37
N VAL B 219 -20.14 3.76 -10.28
CA VAL B 219 -20.15 2.35 -10.70
C VAL B 219 -20.27 2.22 -12.23
N ASN B 220 -21.01 3.15 -12.89
CA ASN B 220 -21.19 3.15 -14.34
C ASN B 220 -20.37 4.32 -14.95
N SER B 221 -19.15 4.53 -14.42
CA SER B 221 -18.23 5.60 -14.82
C SER B 221 -17.14 5.05 -15.76
N PRO B 222 -16.24 5.91 -16.31
CA PRO B 222 -15.19 5.41 -17.21
C PRO B 222 -14.24 4.39 -16.58
N GLU B 223 -13.71 4.72 -15.39
CA GLU B 223 -12.74 3.88 -14.68
C GLU B 223 -13.36 2.56 -14.22
N ALA B 224 -14.62 2.60 -13.75
CA ALA B 224 -15.32 1.39 -13.29
C ALA B 224 -15.61 0.43 -14.44
N LYS B 225 -16.08 0.96 -15.59
CA LYS B 225 -16.34 0.13 -16.78
C LYS B 225 -15.09 -0.64 -17.20
N LYS B 226 -13.91 0.01 -17.19
CA LYS B 226 -12.66 -0.65 -17.54
C LYS B 226 -12.22 -1.59 -16.41
N ALA B 227 -12.34 -1.15 -15.15
CA ALA B 227 -11.97 -1.97 -13.99
C ALA B 227 -12.76 -3.28 -14.00
N TYR B 228 -14.10 -3.17 -14.16
CA TYR B 228 -14.96 -4.36 -14.24
C TYR B 228 -14.69 -5.13 -15.54
N GLY B 229 -14.34 -4.41 -16.61
CA GLY B 229 -13.95 -5.03 -17.88
C GLY B 229 -12.74 -5.92 -17.72
N THR B 230 -11.75 -5.49 -16.90
CA THR B 230 -10.55 -6.27 -16.61
C THR B 230 -10.93 -7.51 -15.77
N TRP B 231 -11.83 -7.32 -14.78
CA TRP B 231 -12.33 -8.41 -13.92
C TRP B 231 -13.10 -9.44 -14.76
N LEU B 232 -13.93 -8.97 -15.69
CA LEU B 232 -14.71 -9.83 -16.58
C LEU B 232 -13.77 -10.58 -17.53
N GLY B 233 -12.70 -9.91 -17.98
CA GLY B 233 -11.69 -10.50 -18.85
C GLY B 233 -10.87 -11.60 -18.20
N LEU B 234 -10.79 -11.63 -16.85
CA LEU B 234 -10.03 -12.65 -16.13
C LEU B 234 -10.72 -14.02 -16.04
N PHE B 235 -11.95 -14.17 -16.58
CA PHE B 235 -12.63 -15.47 -16.61
C PHE B 235 -12.29 -16.20 -17.91
N ASP B 236 -12.26 -15.47 -19.05
CA ASP B 236 -11.94 -16.01 -20.38
C ASP B 236 -10.42 -15.98 -20.62
N GLY B 237 -9.85 -17.09 -21.06
CA GLY B 237 -8.42 -17.21 -21.35
C GLY B 237 -7.84 -18.55 -20.96
N LYS B 238 -6.67 -18.89 -21.55
CA LYS B 238 -5.97 -20.16 -21.23
C LYS B 238 -5.41 -20.07 -19.81
N GLY B 239 -5.78 -21.02 -18.97
CA GLY B 239 -5.38 -21.06 -17.57
C GLY B 239 -6.39 -20.43 -16.63
N LEU B 240 -7.18 -19.46 -17.12
CA LEU B 240 -8.19 -18.79 -16.32
C LEU B 240 -9.45 -19.64 -16.26
N HIS B 241 -9.94 -19.96 -15.04
CA HIS B 241 -11.17 -20.74 -14.89
C HIS B 241 -12.37 -19.82 -15.13
N LYS B 242 -13.42 -20.36 -15.76
CA LYS B 242 -14.62 -19.57 -16.08
C LYS B 242 -15.45 -19.26 -14.83
N ALA B 243 -16.35 -18.29 -14.94
CA ALA B 243 -17.20 -17.86 -13.82
C ALA B 243 -18.20 -18.94 -13.40
N ASP B 244 -18.51 -19.03 -12.09
CA ASP B 244 -19.46 -19.97 -11.53
C ASP B 244 -20.67 -19.19 -11.03
N THR B 245 -21.85 -19.42 -11.64
CA THR B 245 -23.08 -18.71 -11.31
C THR B 245 -23.80 -19.24 -10.05
N THR B 246 -23.31 -20.34 -9.44
CA THR B 246 -23.95 -20.91 -8.25
C THR B 246 -23.82 -19.98 -7.04
N ALA B 247 -24.78 -20.08 -6.10
CA ALA B 247 -24.79 -19.28 -4.88
C ALA B 247 -23.64 -19.65 -3.95
N ASP B 248 -23.21 -20.92 -3.96
CA ASP B 248 -22.10 -21.42 -3.13
C ASP B 248 -20.76 -21.44 -3.87
N ALA B 249 -20.61 -20.70 -5.00
CA ALA B 249 -19.36 -20.60 -5.79
C ALA B 249 -18.11 -20.43 -4.93
N TYR B 250 -18.23 -19.65 -3.84
CA TYR B 250 -17.17 -19.40 -2.85
C TYR B 250 -16.50 -20.70 -2.36
N ALA B 251 -17.30 -21.69 -1.95
CA ALA B 251 -16.79 -22.97 -1.45
C ALA B 251 -16.01 -23.79 -2.49
N HIS B 252 -16.34 -23.64 -3.78
CA HIS B 252 -15.66 -24.38 -4.86
C HIS B 252 -14.28 -23.81 -5.06
N ILE B 253 -14.15 -22.48 -4.90
CA ILE B 253 -12.88 -21.78 -5.06
C ILE B 253 -11.91 -22.22 -3.93
N GLN B 254 -12.44 -22.52 -2.71
CA GLN B 254 -11.60 -23.01 -1.61
C GLN B 254 -11.19 -24.44 -1.91
N ASP B 255 -12.19 -25.34 -2.13
CA ASP B 255 -11.97 -26.76 -2.44
C ASP B 255 -10.95 -26.98 -3.56
N ALA B 256 -10.96 -26.11 -4.58
CA ALA B 256 -10.01 -26.19 -5.70
C ALA B 256 -8.61 -25.78 -5.27
N PHE B 257 -8.47 -24.62 -4.62
CA PHE B 257 -7.18 -24.10 -4.18
C PHE B 257 -6.54 -24.93 -3.07
N VAL B 258 -7.33 -25.37 -2.07
CA VAL B 258 -6.80 -26.16 -0.94
C VAL B 258 -6.24 -27.51 -1.40
N ASN B 259 -6.89 -28.15 -2.40
CA ASN B 259 -6.45 -29.45 -2.94
C ASN B 259 -5.42 -29.35 -4.07
N GLY B 260 -5.28 -28.19 -4.70
CA GLY B 260 -4.29 -27.97 -5.75
C GLY B 260 -4.82 -28.16 -7.16
N LYS B 261 -6.03 -27.66 -7.40
CA LYS B 261 -6.73 -27.71 -8.67
C LYS B 261 -6.67 -26.33 -9.38
N VAL B 262 -6.36 -25.25 -8.62
CA VAL B 262 -6.12 -23.91 -9.13
C VAL B 262 -4.81 -23.41 -8.48
N ALA B 263 -3.98 -22.67 -9.23
CA ALA B 263 -2.67 -22.21 -8.74
C ALA B 263 -2.75 -21.02 -7.78
N SER B 264 -3.63 -20.03 -8.07
CA SER B 264 -3.76 -18.83 -7.23
C SER B 264 -5.18 -18.30 -7.16
N ILE B 265 -5.50 -17.59 -6.07
CA ILE B 265 -6.81 -16.95 -5.84
C ILE B 265 -6.62 -15.68 -4.99
N VAL B 266 -7.63 -14.80 -4.97
CA VAL B 266 -7.63 -13.60 -4.14
C VAL B 266 -8.47 -13.97 -2.92
N GLN B 267 -7.86 -14.00 -1.72
CA GLN B 267 -8.54 -14.39 -0.48
C GLN B 267 -7.90 -13.72 0.74
N GLY B 268 -8.66 -13.65 1.83
CA GLY B 268 -8.21 -13.05 3.09
C GLY B 268 -7.56 -14.03 4.05
N PRO B 269 -7.14 -13.54 5.24
CA PRO B 269 -6.47 -14.42 6.21
C PRO B 269 -7.35 -15.40 6.98
N TRP B 270 -8.67 -15.19 7.01
CA TRP B 270 -9.62 -16.08 7.70
C TRP B 270 -9.63 -17.53 7.13
N GLU B 271 -9.14 -17.74 5.87
CA GLU B 271 -9.04 -19.07 5.25
C GLU B 271 -7.65 -19.72 5.43
N ILE B 272 -6.69 -19.08 6.15
CA ILE B 272 -5.34 -19.64 6.34
C ILE B 272 -5.41 -21.02 6.97
N THR B 273 -6.19 -21.16 8.05
CA THR B 273 -6.39 -22.44 8.74
C THR B 273 -7.05 -23.46 7.82
N ASN B 274 -8.00 -23.01 6.97
CA ASN B 274 -8.69 -23.87 5.99
C ASN B 274 -7.72 -24.33 4.89
N PHE B 275 -6.74 -23.47 4.50
CA PHE B 275 -5.76 -23.81 3.46
C PHE B 275 -4.86 -24.96 3.92
N TYR B 276 -4.36 -24.89 5.16
CA TYR B 276 -3.45 -25.92 5.71
C TYR B 276 -4.09 -27.32 5.81
N LYS B 277 -5.43 -27.41 5.90
CA LYS B 277 -6.14 -28.71 5.96
C LYS B 277 -6.06 -29.49 4.64
N GLY B 278 -5.98 -28.79 3.50
CA GLY B 278 -5.93 -29.42 2.18
C GLY B 278 -4.63 -30.13 1.84
N SER B 279 -4.68 -30.94 0.77
CA SER B 279 -3.53 -31.73 0.31
C SER B 279 -2.44 -30.90 -0.37
N ALA B 280 -2.76 -29.71 -0.90
CA ALA B 280 -1.75 -28.87 -1.55
C ALA B 280 -0.82 -28.25 -0.52
N PHE B 281 -1.40 -27.71 0.56
CA PHE B 281 -0.64 -27.03 1.60
C PHE B 281 -0.42 -27.86 2.87
N LYS B 282 0.19 -29.05 2.72
CA LYS B 282 0.61 -29.88 3.85
C LYS B 282 1.85 -29.16 4.40
N ASP B 283 2.71 -28.68 3.48
CA ASP B 283 3.87 -27.86 3.80
C ASP B 283 3.35 -26.42 3.90
N LYS B 284 3.48 -25.79 5.07
CA LYS B 284 3.01 -24.41 5.29
C LYS B 284 3.81 -23.37 4.48
N ALA B 285 5.09 -23.66 4.19
CA ALA B 285 5.95 -22.76 3.40
C ALA B 285 5.51 -22.68 1.92
N ASN B 286 4.78 -23.69 1.41
CA ASN B 286 4.26 -23.69 0.04
C ASN B 286 3.24 -22.57 -0.19
N LEU B 287 2.52 -22.13 0.89
CA LEU B 287 1.55 -21.04 0.78
C LEU B 287 2.24 -19.67 0.60
N GLY B 288 2.22 -19.17 -0.64
CA GLY B 288 2.77 -17.87 -0.98
C GLY B 288 1.71 -16.80 -0.85
N ILE B 289 2.01 -15.69 -0.14
CA ILE B 289 1.07 -14.59 0.10
C ILE B 289 1.65 -13.29 -0.44
N ALA B 290 1.14 -12.83 -1.60
CA ALA B 290 1.55 -11.58 -2.24
C ALA B 290 0.36 -10.63 -2.34
N THR B 291 0.65 -9.32 -2.45
CA THR B 291 -0.39 -8.28 -2.56
C THR B 291 -1.18 -8.45 -3.85
N VAL B 292 -2.45 -8.01 -3.86
CA VAL B 292 -3.29 -8.11 -5.06
C VAL B 292 -2.64 -7.31 -6.20
N PRO B 293 -2.71 -7.77 -7.47
CA PRO B 293 -2.08 -7.01 -8.56
C PRO B 293 -2.71 -5.63 -8.80
N ALA B 294 -1.91 -4.68 -9.31
CA ALA B 294 -2.37 -3.32 -9.60
C ALA B 294 -2.98 -3.19 -10.98
N GLY B 295 -3.66 -2.08 -11.22
CA GLY B 295 -4.30 -1.79 -12.50
C GLY B 295 -3.64 -0.63 -13.22
N THR B 296 -4.45 0.23 -13.87
CA THR B 296 -3.94 1.37 -14.61
C THR B 296 -3.40 2.49 -13.70
N SER B 297 -3.82 2.53 -12.42
CA SER B 297 -3.34 3.54 -11.47
C SER B 297 -1.84 3.39 -11.15
N GLY B 298 -1.31 2.17 -11.25
CA GLY B 298 0.09 1.88 -10.94
C GLY B 298 0.22 1.12 -9.64
N LYS B 299 -0.35 1.67 -8.56
CA LYS B 299 -0.34 1.03 -7.24
C LYS B 299 -1.53 0.09 -7.08
N ALA B 300 -1.40 -0.92 -6.23
CA ALA B 300 -2.45 -1.88 -5.96
C ALA B 300 -3.33 -1.40 -4.82
N GLY B 301 -4.46 -2.07 -4.63
CA GLY B 301 -5.41 -1.75 -3.57
C GLY B 301 -6.40 -2.85 -3.30
N ALA B 302 -6.69 -3.09 -2.00
CA ALA B 302 -7.62 -4.12 -1.54
C ALA B 302 -8.56 -3.53 -0.48
N PRO B 303 -9.77 -4.07 -0.29
CA PRO B 303 -10.66 -3.51 0.73
C PRO B 303 -10.31 -3.95 2.14
N THR B 304 -10.32 -3.01 3.11
CA THR B 304 -10.05 -3.32 4.51
C THR B 304 -11.30 -3.93 5.10
N GLY B 305 -11.14 -4.97 5.92
CA GLY B 305 -12.24 -5.66 6.57
C GLY B 305 -11.97 -5.97 8.02
N GLY B 306 -12.70 -6.95 8.55
CA GLY B 306 -12.59 -7.38 9.94
C GLY B 306 -13.91 -7.29 10.66
N HIS B 307 -13.86 -7.42 12.00
CA HIS B 307 -15.05 -7.38 12.85
C HIS B 307 -14.81 -6.56 14.11
N ASN B 308 -15.89 -6.28 14.84
CA ASN B 308 -15.88 -5.59 16.12
C ASN B 308 -17.06 -6.06 16.95
N LEU B 309 -16.82 -6.36 18.24
CA LEU B 309 -17.90 -6.82 19.12
C LEU B 309 -18.75 -5.63 19.55
N SER B 310 -20.07 -5.75 19.39
CA SER B 310 -21.02 -4.69 19.72
C SER B 310 -22.11 -5.21 20.66
N VAL B 311 -22.61 -4.35 21.56
CA VAL B 311 -23.65 -4.68 22.54
C VAL B 311 -24.99 -4.14 22.05
N TYR B 312 -26.08 -4.93 22.19
CA TYR B 312 -27.43 -4.52 21.77
C TYR B 312 -28.01 -3.51 22.80
N ALA B 313 -28.48 -2.34 22.32
CA ALA B 313 -29.02 -1.27 23.16
C ALA B 313 -30.38 -1.58 23.80
N GLY B 314 -31.20 -2.38 23.13
CA GLY B 314 -32.52 -2.76 23.65
C GLY B 314 -32.50 -3.71 24.84
N SER B 315 -31.33 -4.32 25.15
CA SER B 315 -31.17 -5.18 26.33
C SER B 315 -31.28 -4.36 27.61
N ASP B 316 -31.67 -5.01 28.72
CA ASP B 316 -31.77 -4.37 30.03
C ASP B 316 -30.38 -4.02 30.56
N LYS B 317 -30.29 -2.99 31.44
CA LYS B 317 -29.04 -2.49 32.02
C LYS B 317 -28.16 -3.56 32.68
N ALA B 318 -28.79 -4.64 33.20
CA ALA B 318 -28.06 -5.76 33.80
C ALA B 318 -27.23 -6.49 32.74
N HIS B 319 -27.87 -6.83 31.61
CA HIS B 319 -27.23 -7.51 30.48
C HIS B 319 -26.19 -6.62 29.78
N GLN B 320 -26.38 -5.29 29.79
CA GLN B 320 -25.43 -4.36 29.17
C GLN B 320 -24.10 -4.31 29.96
N GLU B 321 -24.16 -4.22 31.30
CA GLU B 321 -22.97 -4.19 32.15
C GLU B 321 -22.20 -5.51 32.05
N ALA B 322 -22.93 -6.64 32.01
CA ALA B 322 -22.34 -7.98 31.85
C ALA B 322 -21.71 -8.15 30.47
N SER B 323 -22.31 -7.54 29.43
CA SER B 323 -21.78 -7.58 28.05
C SER B 323 -20.52 -6.71 27.91
N LEU B 324 -20.46 -5.58 28.64
CA LEU B 324 -19.28 -4.70 28.60
C LEU B 324 -18.04 -5.38 29.19
N LYS B 325 -18.23 -6.26 30.19
CA LYS B 325 -17.13 -7.02 30.81
C LYS B 325 -16.62 -8.10 29.84
N PHE B 326 -17.56 -8.79 29.15
CA PHE B 326 -17.26 -9.84 28.17
C PHE B 326 -16.39 -9.32 27.04
N ILE B 327 -16.73 -8.14 26.51
CA ILE B 327 -15.97 -7.53 25.41
C ILE B 327 -14.58 -7.09 25.88
N GLU B 328 -14.43 -6.62 27.14
CA GLU B 328 -13.13 -6.23 27.70
C GLU B 328 -12.20 -7.46 27.72
N PHE B 329 -12.75 -8.62 28.14
CA PHE B 329 -12.00 -9.87 28.20
C PHE B 329 -11.70 -10.40 26.79
N MET B 330 -12.72 -10.48 25.91
CA MET B 330 -12.54 -11.00 24.55
C MET B 330 -11.55 -10.17 23.72
N THR B 331 -11.46 -8.85 23.95
CA THR B 331 -10.52 -7.98 23.22
C THR B 331 -9.34 -7.59 24.12
N SER B 332 -8.78 -8.57 24.85
CA SER B 332 -7.64 -8.35 25.74
C SER B 332 -6.36 -8.77 25.01
N ALA B 333 -5.19 -8.32 25.49
CA ALA B 333 -3.89 -8.66 24.89
C ALA B 333 -3.64 -10.17 24.88
N LYS B 334 -4.12 -10.89 25.91
CA LYS B 334 -3.99 -12.35 26.04
C LYS B 334 -4.87 -13.05 24.99
N SER B 335 -6.17 -12.72 25.00
CA SER B 335 -7.16 -13.33 24.10
C SER B 335 -6.81 -13.15 22.63
N GLN B 336 -6.49 -11.92 22.21
CA GLN B 336 -6.13 -11.63 20.81
C GLN B 336 -4.85 -12.34 20.38
N GLU B 337 -3.85 -12.45 21.29
CA GLU B 337 -2.60 -13.16 21.00
C GLU B 337 -2.89 -14.65 20.82
N THR B 338 -3.83 -15.21 21.61
CA THR B 338 -4.22 -16.62 21.50
C THR B 338 -4.96 -16.83 20.17
N ILE B 339 -5.96 -15.97 19.85
CA ILE B 339 -6.76 -16.04 18.61
C ILE B 339 -5.84 -16.02 17.38
N ALA B 340 -4.81 -15.16 17.39
CA ALA B 340 -3.86 -15.06 16.30
C ALA B 340 -3.13 -16.38 16.07
N LEU B 341 -2.73 -17.07 17.14
CA LEU B 341 -2.01 -18.34 17.01
C LEU B 341 -2.90 -19.49 16.54
N LYS B 342 -4.20 -19.50 16.93
CA LYS B 342 -5.13 -20.56 16.56
C LYS B 342 -5.75 -20.34 15.19
N ASN B 343 -6.39 -19.17 14.98
CA ASN B 343 -7.08 -18.84 13.74
C ASN B 343 -6.20 -18.22 12.65
N SER B 344 -4.98 -17.73 13.00
CA SER B 344 -4.06 -17.05 12.07
C SER B 344 -4.63 -15.71 11.55
N THR B 345 -5.61 -15.12 12.28
CA THR B 345 -6.24 -13.84 11.94
C THR B 345 -5.43 -12.73 12.62
N LEU B 346 -5.26 -11.59 11.94
CA LEU B 346 -4.44 -10.50 12.45
C LEU B 346 -5.07 -9.77 13.66
N PRO B 347 -4.35 -9.66 14.80
CA PRO B 347 -4.89 -8.93 15.97
C PRO B 347 -4.98 -7.42 15.73
N THR B 348 -5.93 -6.76 16.39
CA THR B 348 -6.13 -5.32 16.28
C THR B 348 -5.19 -4.54 17.20
N ARG B 349 -4.88 -5.11 18.39
CA ARG B 349 -3.97 -4.47 19.35
C ARG B 349 -2.52 -4.60 18.89
N ASP B 350 -1.72 -3.55 19.15
CA ASP B 350 -0.29 -3.53 18.77
C ASP B 350 0.52 -4.41 19.74
N ASP B 351 0.17 -4.38 21.03
CA ASP B 351 0.84 -5.19 22.07
C ASP B 351 0.66 -6.72 21.86
N ALA B 352 -0.43 -7.14 21.19
CA ALA B 352 -0.70 -8.57 20.93
C ALA B 352 0.30 -9.20 19.94
N TYR B 353 1.02 -8.41 19.12
CA TYR B 353 2.00 -8.93 18.17
C TYR B 353 3.31 -9.31 18.87
N THR B 354 3.39 -10.54 19.38
CA THR B 354 4.59 -11.08 20.03
C THR B 354 5.44 -11.83 18.97
N ALA B 355 6.54 -12.49 19.39
CA ALA B 355 7.38 -13.25 18.47
C ALA B 355 6.69 -14.51 17.96
N GLU B 356 5.85 -15.15 18.80
CA GLU B 356 5.09 -16.35 18.40
C GLU B 356 4.12 -15.99 17.26
N VAL B 357 3.46 -14.82 17.38
CA VAL B 357 2.51 -14.29 16.41
C VAL B 357 3.27 -13.90 15.12
N LYS B 358 4.38 -13.15 15.26
CA LYS B 358 5.19 -12.74 14.10
C LYS B 358 5.93 -13.92 13.43
N ALA B 359 6.18 -15.03 14.16
CA ALA B 359 6.85 -16.21 13.59
C ALA B 359 5.94 -16.99 12.62
N ASP B 360 4.61 -16.85 12.72
CA ASP B 360 3.68 -17.55 11.82
C ASP B 360 3.81 -16.96 10.40
N PRO B 361 4.06 -17.77 9.35
CA PRO B 361 4.17 -17.21 7.99
C PRO B 361 2.89 -16.55 7.46
N GLY B 362 1.73 -17.01 7.92
CA GLY B 362 0.45 -16.45 7.53
C GLY B 362 0.29 -15.03 7.99
N ILE B 363 0.51 -14.79 9.30
CA ILE B 363 0.44 -13.46 9.90
C ILE B 363 1.54 -12.55 9.32
N ALA B 364 2.78 -13.07 9.26
CA ALA B 364 3.92 -12.33 8.69
C ALA B 364 3.66 -11.96 7.23
N GLY B 365 3.07 -12.89 6.47
CA GLY B 365 2.73 -12.71 5.07
C GLY B 365 1.63 -11.69 4.84
N TYR B 366 0.60 -11.69 5.71
CA TYR B 366 -0.51 -10.73 5.59
C TYR B 366 -0.18 -9.34 6.18
N GLN B 367 0.85 -9.23 7.06
CA GLN B 367 1.23 -7.92 7.60
C GLN B 367 1.88 -7.05 6.50
N THR B 368 2.50 -7.68 5.50
CA THR B 368 3.14 -6.97 4.39
C THR B 368 2.09 -6.49 3.37
N VAL B 369 1.09 -7.34 3.06
CA VAL B 369 0.01 -6.98 2.12
C VAL B 369 -0.96 -5.97 2.76
N LEU B 370 -1.02 -5.89 4.11
CA LEU B 370 -1.84 -4.91 4.83
C LEU B 370 -1.51 -3.49 4.41
N ALA B 371 -0.28 -3.27 3.92
CA ALA B 371 0.17 -1.98 3.39
C ALA B 371 -0.75 -1.46 2.28
N ALA B 372 -1.33 -2.35 1.44
CA ALA B 372 -2.23 -1.96 0.35
C ALA B 372 -3.74 -1.91 0.72
N ALA B 373 -4.11 -2.22 1.98
CA ALA B 373 -5.51 -2.24 2.41
C ALA B 373 -6.12 -0.82 2.49
N ARG B 374 -7.06 -0.51 1.57
CA ARG B 374 -7.72 0.80 1.51
C ARG B 374 -8.82 0.93 2.57
N PRO B 375 -8.75 1.90 3.51
CA PRO B 375 -9.84 2.04 4.50
C PRO B 375 -11.17 2.48 3.90
N ARG B 376 -12.27 2.15 4.57
CA ARG B 376 -13.62 2.49 4.11
C ARG B 376 -13.97 3.93 4.48
N PRO B 377 -14.74 4.66 3.64
CA PRO B 377 -15.08 6.05 3.99
C PRO B 377 -16.22 6.15 4.98
N GLU B 378 -16.45 7.36 5.54
CA GLU B 378 -17.52 7.58 6.51
C GLU B 378 -18.88 7.64 5.80
N LEU B 379 -19.43 6.45 5.50
CA LEU B 379 -20.73 6.28 4.84
C LEU B 379 -21.37 5.00 5.34
N PRO B 380 -22.43 5.08 6.19
CA PRO B 380 -23.05 3.84 6.72
C PRO B 380 -23.62 2.85 5.69
N GLU B 381 -24.05 3.34 4.53
CA GLU B 381 -24.61 2.49 3.48
C GLU B 381 -23.56 1.88 2.54
N TYR B 382 -22.25 2.20 2.73
CA TYR B 382 -21.16 1.69 1.87
C TYR B 382 -21.21 0.16 1.67
N SER B 383 -21.49 -0.60 2.74
CA SER B 383 -21.61 -2.06 2.65
C SER B 383 -22.89 -2.49 1.94
N SER B 384 -23.98 -1.72 2.13
CA SER B 384 -25.27 -1.98 1.47
C SER B 384 -25.19 -1.85 -0.05
N LEU B 385 -24.18 -1.12 -0.57
CA LEU B 385 -23.99 -0.92 -2.01
C LEU B 385 -23.49 -2.19 -2.67
N TRP B 386 -22.83 -3.09 -1.92
CA TRP B 386 -22.36 -4.36 -2.46
C TRP B 386 -23.50 -5.38 -2.70
N GLY B 387 -24.64 -5.20 -2.02
CA GLY B 387 -25.80 -6.07 -2.18
C GLY B 387 -26.27 -6.12 -3.62
N PRO B 388 -26.75 -4.98 -4.17
CA PRO B 388 -27.14 -4.96 -5.59
C PRO B 388 -26.02 -5.43 -6.54
N LEU B 389 -24.76 -5.01 -6.27
CA LEU B 389 -23.60 -5.41 -7.08
C LEU B 389 -23.40 -6.92 -7.11
N ASP B 390 -23.55 -7.62 -5.96
CA ASP B 390 -23.40 -9.08 -5.93
C ASP B 390 -24.39 -9.76 -6.88
N THR B 391 -25.61 -9.20 -7.03
CA THR B 391 -26.64 -9.73 -7.93
C THR B 391 -26.32 -9.37 -9.38
N GLU B 392 -26.05 -8.08 -9.65
CA GLU B 392 -25.77 -7.57 -11.00
C GLU B 392 -24.46 -8.09 -11.59
N LEU B 393 -23.40 -8.24 -10.76
CA LEU B 393 -22.11 -8.77 -11.23
C LEU B 393 -22.22 -10.25 -11.54
N LEU B 394 -22.97 -11.02 -10.73
CA LEU B 394 -23.17 -12.45 -10.98
C LEU B 394 -23.92 -12.67 -12.30
N ALA B 395 -24.77 -11.70 -12.71
CA ALA B 395 -25.47 -11.74 -13.99
C ALA B 395 -24.48 -11.45 -15.12
N ILE B 396 -23.60 -10.43 -14.94
CA ILE B 396 -22.58 -10.06 -15.93
C ILE B 396 -21.60 -11.21 -16.13
N ALA B 397 -21.06 -11.76 -15.03
CA ALA B 397 -20.11 -12.87 -15.07
C ALA B 397 -20.72 -14.16 -15.65
N GLY B 398 -22.00 -14.40 -15.36
CA GLY B 398 -22.71 -15.57 -15.84
C GLY B 398 -23.11 -15.57 -17.30
N GLY B 399 -23.04 -14.42 -17.97
CA GLY B 399 -23.41 -14.28 -19.36
C GLY B 399 -24.91 -14.17 -19.56
N LYS B 400 -25.58 -13.53 -18.59
CA LYS B 400 -27.04 -13.32 -18.59
C LYS B 400 -27.32 -11.92 -19.15
N GLU B 401 -26.55 -10.93 -18.69
CA GLU B 401 -26.66 -9.52 -19.07
C GLU B 401 -25.30 -9.04 -19.58
N SER B 402 -25.29 -7.93 -20.35
CA SER B 402 -24.04 -7.33 -20.84
C SER B 402 -23.39 -6.52 -19.71
N LEU B 403 -22.19 -5.97 -19.96
CA LEU B 403 -21.46 -5.19 -18.96
C LEU B 403 -22.19 -3.90 -18.59
N ASP B 404 -22.51 -3.05 -19.59
CA ASP B 404 -23.23 -1.80 -19.33
C ASP B 404 -24.68 -2.03 -18.86
N LYS B 405 -25.29 -3.19 -19.20
CA LYS B 405 -26.65 -3.53 -18.77
C LYS B 405 -26.71 -3.68 -17.25
N GLY B 406 -25.83 -4.52 -16.69
CA GLY B 406 -25.77 -4.76 -15.26
C GLY B 406 -25.28 -3.57 -14.46
N LEU B 407 -24.25 -2.86 -14.96
CA LEU B 407 -23.69 -1.67 -14.29
C LEU B 407 -24.71 -0.53 -14.26
N GLY B 408 -25.51 -0.40 -15.31
CA GLY B 408 -26.57 0.61 -15.38
C GLY B 408 -27.66 0.32 -14.37
N ASN B 409 -28.02 -0.97 -14.22
CA ASN B 409 -29.03 -1.41 -13.25
C ASN B 409 -28.51 -1.25 -11.81
N ALA B 410 -27.21 -1.56 -11.57
CA ALA B 410 -26.57 -1.40 -10.27
C ALA B 410 -26.56 0.07 -9.86
N GLU B 411 -26.29 0.98 -10.81
CA GLU B 411 -26.30 2.42 -10.58
C GLU B 411 -27.69 2.91 -10.14
N THR B 412 -28.76 2.34 -10.71
CA THR B 412 -30.14 2.69 -10.33
C THR B 412 -30.52 2.06 -8.99
N ALA B 413 -30.09 0.79 -8.75
CA ALA B 413 -30.36 0.07 -7.50
C ALA B 413 -29.62 0.70 -6.31
N ILE B 414 -28.41 1.25 -6.55
CA ILE B 414 -27.62 1.93 -5.52
C ILE B 414 -28.28 3.25 -5.15
N ALA B 415 -28.75 4.02 -6.14
CA ALA B 415 -29.41 5.31 -5.94
C ALA B 415 -30.61 5.24 -4.97
N LYS B 416 -31.28 4.07 -4.84
CA LYS B 416 -32.39 3.89 -3.91
C LYS B 416 -31.90 3.93 -2.45
N LEU B 417 -30.85 3.13 -2.16
CA LEU B 417 -30.28 3.03 -0.82
C LEU B 417 -29.55 4.31 -0.38
N VAL B 418 -29.05 5.11 -1.34
CA VAL B 418 -28.31 6.35 -1.09
C VAL B 418 -28.70 7.38 -2.16
N PRO B 419 -29.83 8.08 -2.00
CA PRO B 419 -30.26 9.05 -3.03
C PRO B 419 -29.62 10.44 -2.99
N ASP B 420 -28.60 10.69 -2.16
CA ASP B 420 -27.89 11.99 -2.21
C ASP B 420 -26.77 11.89 -3.27
N TYR B 421 -26.90 10.97 -4.25
CA TYR B 421 -25.90 10.62 -5.25
C TYR B 421 -26.50 10.55 -6.69
N SER B 422 -25.64 10.18 -7.68
CA SER B 422 -25.87 10.02 -9.14
C SER B 422 -25.32 11.22 -9.93
N LYS B 423 -25.10 12.37 -9.25
CA LYS B 423 -24.59 13.61 -9.83
C LYS B 423 -23.65 14.30 -8.85
#